data_7TYH
#
_entry.id   7TYH
#
_cell.length_a   1.00
_cell.length_b   1.00
_cell.length_c   1.00
_cell.angle_alpha   90.00
_cell.angle_beta   90.00
_cell.angle_gamma   90.00
#
_symmetry.space_group_name_H-M   'P 1'
#
loop_
_entity.id
_entity.type
_entity.pdbx_description
1 polymer 'Guanine nucleotide-binding protein G(s) subunit alpha isoforms short'
2 polymer 'Guanine nucleotide-binding protein G(I)/G(S)/G(T) subunit beta-1'
3 polymer 'Guanine nucleotide-binding protein G(I)/G(S)/G(O) subunit gamma-2'
4 polymer 'nanobody 35'
5 polymer 'Receptor activity-modifying protein 2'
6 polymer Calcitonin
7 polymer 'Calcitonin receptor'
#
loop_
_entity_poly.entity_id
_entity_poly.type
_entity_poly.pdbx_seq_one_letter_code
_entity_poly.pdbx_strand_id
1 'polypeptide(L)'
;MGCLGNSKTEDQRNEEKAQREANKKIEKQLQKDKQVYRATHRLLLLGAGESGKNTIVKQMRILHVNGFNGEGGEEDPQAA
RSNSDGEKATKVQDIKNNLKEAIETIVAAMSNLVPPVELANPENQFRVDYILSVMNVPDFDFPPEFYEHAKALWEDEGVR
ACYERSNEYQLIDCAQYFLDKIDVIKQADYVPSDQDLLRCRVLTSGIFETKFQVDKVNFHMFDVGAQRDERRKWIQCFND
VTAIIFVVASSSYNMVIREDNQTNRLQAALKLFDSIWNNKWLRDTSVILFLNKQDLLAEKVLAGKSKIEDYFPEFARYTT
PEDATPEPGEDPRVTRAKYFIRDEFLRISTASGDGRHYCYPHFTCSVDTENIRRVFNDCRDIIQRMHLRQYELL
;
A
2 'polypeptide(L)'
;MHHHHHHGSSGSELDQLRQEAEQLKNQIRDARKACADATLSQITNNIDPVGRIQMRTRRTLRGHLAKIYAMHWGTDSRLL
VSASQDGKLIIWDSYTTNKVHAIPLRSSWVMTCAYAPSGNYVACGGLDNICSIYNLKTREGNVRVSRELAGHTGYLSCCR
FLDDNQIVTSSGDTTCALWDIETGQQTTTFTGHTGDVMSLSLAPDTRLFVSGACDASAKLWDVREGMCRQTFTGHESDIN
AICFFPNGNAFATGSDDATCRLFDLRADQELMTYSHDNIICGITSVSFSKSGRLLLAGYDDFNCNVWDALKADRAGVLAG
HDNRVSCLGVTDDGMAVATGSWDSFLKIWN
;
B
3 'polypeptide(L)' MASNNTASIAQARKLVEQLKMEANIDRIKVSKAAADLMAYCEAHAKEDPLLTPVPASENPFREKKFFCAIL G
4 'polypeptide(L)'
;QVQLQESGGGLVQPGGSLRLSCAASGFTFSNYKMNWVRQAPGKGLEWVSDISQSGASISYTGSVKGRFTISRDNAKNTLY
LQMNSLKPEDTAVYYCARCPAPFTRDCFDVTSTTYAYRGQGTQVTVSSHHHHHHEPEA
;
N
5 'polypeptide(L)'
;MKTIIALSYIFCLVFADYKDDDDKPLPTTGTPGSEGGTVKNYETAVQFCWNHYKDQMDPIEKDWCDWAMISRPYSTLRDC
LEHFAELFDLGFPNPLAERIIFETHQIHFANCSLVQPTFSDPPEDVLLAMIIAPICLIPFLITLVVWRSKDSEAQA
;
E
6 'polypeptide(L)' CGNLSTCMLGTYTQDFNKFHTFPQTAIGVGAP(NH2) P
7 'polypeptide(L)'
;MKTIIALSYIFCLVFADYKDDDDLEVLFQGPAAFSNQTYPTIEPKPFLYVVGRKKMMDAQYKCYDRMQQLPAYQGEGPYC
NRTWDGWLCWDDTPAGVLSYQFCPDYFPDFDPSEKVTKYCDEKGVWFKHPENNRTWSNYTMCNAFTPEKLKNAYVLYYLA
IVGHSLSIFTLVISLGIFVFFRSLGCQRVTLHKNMFLTYILNSMIIIIHLVEVVPNGELVRRDPVSCKILHFFHQYMMAC
NYFWMLCEGIYLHTLIVVAVFTEKQRLRWYYLLGWGFPLVPTTIHAITRAVYFNDNCWLSVETHLLYIIHGPVMAALVVN
FFFLLNIVRVLVTKMRETHEAESHMYLKAVKATMILVPLLGIQFVVFPWRPSNKMLGKIYDYVMHSLIHFQGFFVATIYC
FCNNEVQTTVKRQWAQFKIQWNQRWGRRPSNRSARAAAAAAEAGDIPIYICHQELRNEPANNQGEESAEIIPLNIIEQES
SAPAGLEVLFQGPHHHHHHHH
;
R
#
# COMPACT_ATOMS: atom_id res chain seq x y z
N ASP A 11 31.10 -24.20 29.96
CA ASP A 11 30.22 -23.20 29.36
C ASP A 11 29.42 -23.82 28.22
N GLN A 12 28.17 -23.40 28.09
CA GLN A 12 27.29 -23.88 27.03
C GLN A 12 26.61 -22.75 26.26
N ARG A 13 27.01 -21.51 26.50
CA ARG A 13 26.44 -20.36 25.81
C ARG A 13 27.42 -19.72 24.83
N ASN A 14 28.62 -20.29 24.67
CA ASN A 14 29.60 -19.70 23.76
C ASN A 14 29.24 -19.95 22.30
N GLU A 15 28.51 -21.04 22.02
CA GLU A 15 28.09 -21.31 20.66
C GLU A 15 26.93 -20.44 20.22
N GLU A 16 26.32 -19.68 21.13
CA GLU A 16 25.22 -18.80 20.76
C GLU A 16 25.72 -17.59 19.98
N LYS A 17 26.79 -16.95 20.46
CA LYS A 17 27.34 -15.82 19.73
C LYS A 17 27.92 -16.24 18.39
N ALA A 18 28.32 -17.51 18.26
CA ALA A 18 28.76 -18.02 16.96
C ALA A 18 27.59 -18.10 15.99
N GLN A 19 26.37 -18.28 16.49
CA GLN A 19 25.18 -18.27 15.65
C GLN A 19 24.65 -16.85 15.45
N ARG A 20 24.76 -15.99 16.47
CA ARG A 20 24.34 -14.60 16.32
C ARG A 20 25.27 -13.84 15.38
N GLU A 21 26.54 -14.25 15.27
CA GLU A 21 27.42 -13.67 14.26
C GLU A 21 27.14 -14.29 12.89
N ALA A 22 26.78 -15.57 12.85
CA ALA A 22 26.31 -16.15 11.59
C ALA A 22 24.98 -15.53 11.18
N ASN A 23 24.13 -15.18 12.13
CA ASN A 23 22.90 -14.45 11.85
C ASN A 23 23.13 -12.97 11.63
N LYS A 24 24.36 -12.49 11.75
CA LYS A 24 24.71 -11.10 11.49
C LYS A 24 25.22 -10.89 10.08
N LYS A 25 26.19 -11.70 9.64
CA LYS A 25 26.69 -11.59 8.27
C LYS A 25 25.61 -11.98 7.27
N ILE A 26 24.83 -13.02 7.57
CA ILE A 26 23.74 -13.42 6.69
C ILE A 26 22.70 -12.32 6.60
N GLU A 27 22.34 -11.74 7.75
CA GLU A 27 21.41 -10.61 7.74
C GLU A 27 22.02 -9.40 7.03
N LYS A 28 23.34 -9.24 7.12
CA LYS A 28 24.01 -8.19 6.35
C LYS A 28 23.98 -8.49 4.86
N GLN A 29 24.03 -9.78 4.49
CA GLN A 29 23.86 -10.16 3.10
C GLN A 29 22.39 -10.13 2.67
N LEU A 30 21.49 -10.48 3.59
CA LEU A 30 20.06 -10.41 3.29
C LEU A 30 19.56 -8.97 3.21
N GLN A 31 20.38 -7.99 3.60
CA GLN A 31 20.03 -6.58 3.48
C GLN A 31 20.62 -5.94 2.23
N LYS A 32 21.85 -6.32 1.85
CA LYS A 32 22.41 -5.84 0.61
C LYS A 32 21.77 -6.50 -0.61
N ASP A 33 21.20 -7.69 -0.44
CA ASP A 33 20.45 -8.34 -1.51
C ASP A 33 19.03 -7.82 -1.62
N LYS A 34 18.47 -7.30 -0.53
CA LYS A 34 17.13 -6.73 -0.57
C LYS A 34 17.09 -5.47 -1.42
N GLN A 35 18.21 -4.75 -1.52
CA GLN A 35 18.25 -3.52 -2.31
C GLN A 35 18.37 -3.83 -3.80
N VAL A 36 19.20 -4.81 -4.18
CA VAL A 36 19.37 -5.15 -5.58
C VAL A 36 18.17 -5.94 -6.10
N TYR A 37 17.39 -6.55 -5.21
CA TYR A 37 16.20 -7.29 -5.64
C TYR A 37 15.07 -6.33 -6.00
N ARG A 38 14.81 -5.34 -5.15
CA ARG A 38 13.75 -4.38 -5.39
C ARG A 38 14.14 -3.28 -6.37
N ALA A 39 15.40 -3.22 -6.79
CA ALA A 39 15.85 -2.27 -7.79
C ALA A 39 15.75 -2.80 -9.21
N THR A 40 15.37 -4.07 -9.36
CA THR A 40 15.19 -4.69 -10.68
C THR A 40 13.73 -5.10 -10.83
N HIS A 41 13.12 -4.68 -11.93
CA HIS A 41 11.72 -4.94 -12.20
C HIS A 41 11.59 -6.21 -13.04
N ARG A 42 10.96 -7.24 -12.49
CA ARG A 42 10.79 -8.50 -13.18
C ARG A 42 9.62 -8.42 -14.14
N LEU A 43 9.83 -8.82 -15.39
CA LEU A 43 8.80 -8.83 -16.42
C LEU A 43 8.49 -10.26 -16.83
N LEU A 44 7.44 -10.40 -17.63
CA LEU A 44 6.99 -11.70 -18.14
C LEU A 44 6.69 -11.58 -19.62
N LEU A 45 7.46 -12.25 -20.48
CA LEU A 45 7.16 -12.29 -21.93
C LEU A 45 6.28 -13.51 -22.15
N LEU A 46 5.00 -13.33 -22.45
CA LEU A 46 4.05 -14.42 -22.73
C LEU A 46 3.55 -14.14 -24.13
N GLY A 47 4.45 -14.25 -25.10
CA GLY A 47 4.14 -13.97 -26.50
C GLY A 47 3.52 -15.20 -27.11
N ALA A 48 2.65 -15.06 -28.10
CA ALA A 48 2.11 -16.24 -28.76
C ALA A 48 3.17 -16.90 -29.64
N GLY A 49 2.94 -18.17 -29.95
CA GLY A 49 3.89 -18.90 -30.77
C GLY A 49 3.88 -18.40 -32.21
N GLU A 50 5.07 -18.42 -32.83
CA GLU A 50 5.25 -17.97 -34.21
C GLU A 50 4.77 -16.54 -34.40
N SER A 51 5.15 -15.66 -33.47
CA SER A 51 4.75 -14.26 -33.51
C SER A 51 5.93 -13.32 -33.25
N GLY A 52 7.15 -13.82 -33.37
CA GLY A 52 8.32 -12.98 -33.11
C GLY A 52 8.44 -12.53 -31.68
N LYS A 53 8.12 -13.42 -30.73
CA LYS A 53 8.20 -13.03 -29.32
C LYS A 53 9.64 -12.84 -28.86
N ASN A 54 10.58 -13.57 -29.47
CA ASN A 54 11.98 -13.42 -29.08
C ASN A 54 12.55 -12.09 -29.54
N THR A 55 12.16 -11.65 -30.74
CA THR A 55 12.65 -10.40 -31.31
C THR A 55 11.72 -9.23 -31.05
N ILE A 56 10.81 -9.35 -30.07
CA ILE A 56 9.89 -8.27 -29.76
C ILE A 56 10.52 -7.19 -28.89
N VAL A 57 11.69 -7.46 -28.29
CA VAL A 57 12.39 -6.48 -27.48
C VAL A 57 13.71 -6.15 -28.15
N LYS A 58 14.26 -7.12 -28.89
CA LYS A 58 15.53 -6.93 -29.59
C LYS A 58 15.40 -5.91 -30.71
N THR A 204 15.23 -25.80 -24.40
CA THR A 204 16.33 -26.14 -23.51
C THR A 204 16.00 -25.76 -22.07
N SER A 205 16.33 -24.52 -21.70
CA SER A 205 16.06 -24.04 -20.35
C SER A 205 14.57 -23.73 -20.18
N GLY A 206 14.08 -23.94 -18.96
CA GLY A 206 12.68 -23.68 -18.69
C GLY A 206 12.32 -22.21 -18.74
N ILE A 207 13.28 -21.34 -18.44
CA ILE A 207 13.07 -19.90 -18.48
C ILE A 207 14.35 -19.25 -19.00
N PHE A 208 14.21 -18.42 -20.02
CA PHE A 208 15.34 -17.72 -20.64
C PHE A 208 15.34 -16.29 -20.11
N GLU A 209 16.19 -16.02 -19.12
CA GLU A 209 16.30 -14.69 -18.56
C GLU A 209 16.88 -13.72 -19.58
N THR A 210 16.58 -12.44 -19.38
CA THR A 210 17.04 -11.39 -20.28
C THR A 210 17.25 -10.12 -19.47
N LYS A 211 18.51 -9.78 -19.22
CA LYS A 211 18.86 -8.58 -18.48
C LYS A 211 19.11 -7.42 -19.43
N PHE A 212 18.38 -6.33 -19.24
CA PHE A 212 18.55 -5.13 -20.04
C PHE A 212 18.13 -3.92 -19.21
N GLN A 213 18.89 -2.83 -19.35
CA GLN A 213 18.67 -1.63 -18.57
C GLN A 213 18.17 -0.50 -19.46
N VAL A 214 17.29 0.34 -18.92
CA VAL A 214 16.77 1.51 -19.61
C VAL A 214 16.89 2.68 -18.64
N ASP A 215 17.87 3.56 -18.87
CA ASP A 215 18.12 4.73 -18.03
C ASP A 215 18.36 4.33 -16.57
N LYS A 216 19.39 3.51 -16.38
CA LYS A 216 19.82 3.05 -15.06
C LYS A 216 18.72 2.29 -14.32
N VAL A 217 17.81 1.65 -15.07
CA VAL A 217 16.77 0.80 -14.52
C VAL A 217 16.90 -0.56 -15.16
N ASN A 218 17.47 -1.52 -14.44
CA ASN A 218 17.73 -2.86 -14.96
C ASN A 218 16.45 -3.69 -14.86
N PHE A 219 15.87 -4.02 -16.01
CA PHE A 219 14.71 -4.89 -16.07
C PHE A 219 15.16 -6.35 -16.14
N HIS A 220 14.26 -7.24 -15.73
CA HIS A 220 14.53 -8.68 -15.69
C HIS A 220 13.38 -9.40 -16.40
N MET A 221 13.51 -9.57 -17.70
CA MET A 221 12.51 -10.28 -18.49
C MET A 221 12.81 -11.77 -18.49
N PHE A 222 11.76 -12.58 -18.44
CA PHE A 222 11.87 -14.04 -18.36
C PHE A 222 11.05 -14.65 -19.50
N ASP A 223 11.73 -14.95 -20.60
CA ASP A 223 11.08 -15.64 -21.71
C ASP A 223 10.88 -17.10 -21.34
N VAL A 224 9.62 -17.51 -21.18
CA VAL A 224 9.28 -18.86 -20.74
C VAL A 224 9.27 -19.76 -21.97
N GLY A 225 10.32 -20.57 -22.12
CA GLY A 225 10.45 -21.50 -23.20
C GLY A 225 10.58 -22.94 -22.72
N ALA A 226 10.45 -23.86 -23.67
CA ALA A 226 10.59 -25.30 -23.40
C ALA A 226 9.62 -25.77 -22.32
N GLN A 227 8.39 -25.28 -22.38
CA GLN A 227 7.34 -25.65 -21.45
C GLN A 227 6.22 -26.35 -22.19
N ARG A 228 5.27 -26.88 -21.42
CA ARG A 228 4.16 -27.63 -21.99
C ARG A 228 3.04 -26.68 -22.41
N ASP A 229 1.97 -27.25 -22.96
CA ASP A 229 0.87 -26.43 -23.47
C ASP A 229 0.06 -25.84 -22.33
N GLU A 230 -0.25 -26.60 -21.29
CA GLU A 230 -1.13 -26.11 -20.19
C GLU A 230 -0.33 -25.10 -19.37
N ARG A 231 -0.88 -23.90 -19.12
CA ARG A 231 -0.17 -22.81 -18.39
C ARG A 231 -0.91 -22.34 -17.14
N ARG A 232 -2.05 -22.91 -16.79
CA ARG A 232 -2.85 -22.40 -15.64
C ARG A 232 -2.04 -22.49 -14.36
N LYS A 233 -1.32 -23.58 -14.11
CA LYS A 233 -0.54 -23.79 -12.86
C LYS A 233 0.71 -22.92 -12.77
N TRP A 234 1.50 -22.77 -13.83
CA TRP A 234 2.80 -22.04 -13.76
C TRP A 234 2.64 -20.55 -14.00
N ILE A 235 1.48 -20.06 -14.41
CA ILE A 235 1.23 -18.61 -14.64
C ILE A 235 0.96 -17.96 -13.29
N GLN A 236 0.80 -18.73 -12.22
CA GLN A 236 0.50 -18.19 -10.87
C GLN A 236 1.79 -17.71 -10.21
N CYS A 237 2.97 -18.19 -10.65
CA CYS A 237 4.25 -17.75 -10.11
C CYS A 237 4.63 -16.36 -10.58
N PHE A 238 3.95 -15.83 -11.59
CA PHE A 238 4.26 -14.52 -12.15
C PHE A 238 3.26 -13.45 -11.72
N ASN A 239 2.77 -13.53 -10.48
CA ASN A 239 1.85 -12.51 -9.98
C ASN A 239 2.58 -11.32 -9.38
N ASP A 240 3.86 -11.47 -9.03
CA ASP A 240 4.65 -10.38 -8.45
C ASP A 240 5.38 -9.55 -9.51
N VAL A 241 5.31 -9.94 -10.77
CA VAL A 241 6.02 -9.19 -11.81
C VAL A 241 5.37 -7.83 -12.01
N THR A 242 6.17 -6.89 -12.55
CA THR A 242 5.66 -5.55 -12.80
C THR A 242 4.60 -5.54 -13.89
N ALA A 243 4.89 -6.18 -15.02
CA ALA A 243 3.96 -6.25 -16.13
C ALA A 243 4.12 -7.60 -16.84
N ILE A 244 3.23 -7.85 -17.79
CA ILE A 244 3.23 -9.08 -18.58
C ILE A 244 3.24 -8.65 -20.05
N ILE A 245 4.39 -8.80 -20.70
CA ILE A 245 4.51 -8.45 -22.12
C ILE A 245 3.71 -9.47 -22.92
N PHE A 246 2.58 -9.06 -23.48
CA PHE A 246 1.69 -9.93 -24.24
C PHE A 246 1.83 -9.58 -25.72
N VAL A 247 2.44 -10.48 -26.48
CA VAL A 247 2.63 -10.28 -27.92
C VAL A 247 1.58 -11.09 -28.67
N VAL A 248 0.87 -10.43 -29.58
CA VAL A 248 -0.22 -11.04 -30.32
C VAL A 248 0.13 -11.04 -31.81
N ALA A 249 -0.09 -12.18 -32.46
CA ALA A 249 0.10 -12.30 -33.90
C ALA A 249 -1.18 -11.87 -34.60
N SER A 250 -1.13 -10.72 -35.27
CA SER A 250 -2.31 -10.16 -35.94
C SER A 250 -2.69 -10.91 -37.21
N SER A 251 -2.04 -12.01 -37.56
CA SER A 251 -2.38 -12.75 -38.76
C SER A 251 -2.33 -14.26 -38.50
N GLN A 262 -4.67 -20.88 -42.11
CA GLN A 262 -4.85 -22.05 -41.25
C GLN A 262 -5.99 -21.82 -40.27
N THR A 263 -5.73 -22.13 -38.99
CA THR A 263 -6.73 -21.98 -37.95
C THR A 263 -6.86 -20.51 -37.56
N ASN A 264 -7.67 -20.25 -36.53
CA ASN A 264 -7.90 -18.90 -36.05
C ASN A 264 -6.80 -18.52 -35.07
N ARG A 265 -5.93 -17.60 -35.49
CA ARG A 265 -4.82 -17.15 -34.65
C ARG A 265 -5.23 -16.08 -33.65
N LEU A 266 -6.11 -15.15 -34.06
CA LEU A 266 -6.50 -14.05 -33.19
C LEU A 266 -7.38 -14.55 -32.05
N GLN A 267 -8.33 -15.44 -32.33
CA GLN A 267 -9.21 -15.95 -31.30
C GLN A 267 -8.43 -16.78 -30.27
N ALA A 268 -7.33 -17.40 -30.68
CA ALA A 268 -6.49 -18.12 -29.73
C ALA A 268 -5.82 -17.16 -28.74
N ALA A 269 -5.50 -15.95 -29.19
CA ALA A 269 -4.92 -14.94 -28.32
C ALA A 269 -5.95 -14.11 -27.58
N LEU A 270 -7.19 -14.04 -28.09
CA LEU A 270 -8.24 -13.31 -27.40
C LEU A 270 -8.74 -14.08 -26.18
N LYS A 271 -8.88 -15.40 -26.30
CA LYS A 271 -9.38 -16.22 -25.17
C LYS A 271 -8.29 -16.33 -24.11
N LEU A 272 -7.00 -16.34 -24.49
CA LEU A 272 -5.87 -16.39 -23.52
C LEU A 272 -5.80 -15.10 -22.69
N PHE A 273 -5.94 -13.93 -23.31
CA PHE A 273 -5.87 -12.63 -22.61
C PHE A 273 -6.99 -12.59 -21.59
N ASP A 274 -8.18 -13.08 -21.94
CA ASP A 274 -9.36 -13.09 -21.04
C ASP A 274 -9.05 -13.92 -19.80
N SER A 275 -8.41 -15.08 -19.95
CA SER A 275 -8.05 -15.98 -18.82
C SER A 275 -7.06 -15.30 -17.90
N ILE A 276 -6.04 -14.62 -18.44
CA ILE A 276 -5.01 -13.89 -17.63
C ILE A 276 -5.69 -12.72 -16.92
N TRP A 277 -6.54 -11.98 -17.61
CA TRP A 277 -7.21 -10.80 -17.04
C TRP A 277 -8.09 -11.21 -15.87
N ASN A 278 -8.79 -12.34 -15.99
CA ASN A 278 -9.78 -12.79 -14.96
C ASN A 278 -9.14 -13.80 -13.99
N ASN A 279 -7.86 -14.12 -14.13
CA ASN A 279 -7.16 -15.04 -13.18
C ASN A 279 -7.16 -14.33 -11.83
N LYS A 280 -7.50 -15.00 -10.74
CA LYS A 280 -7.62 -14.34 -9.41
C LYS A 280 -6.25 -13.80 -8.98
N TRP A 281 -5.16 -14.52 -9.22
CA TRP A 281 -3.79 -14.13 -8.80
C TRP A 281 -3.23 -13.02 -9.69
N LEU A 282 -3.68 -12.89 -10.94
CA LEU A 282 -3.14 -11.89 -11.92
C LEU A 282 -4.11 -10.72 -12.10
N ARG A 283 -4.98 -10.43 -11.13
CA ARG A 283 -5.93 -9.28 -11.18
C ARG A 283 -5.22 -7.99 -10.74
N ASP A 284 -4.07 -8.08 -10.06
CA ASP A 284 -3.26 -6.94 -9.65
C ASP A 284 -1.98 -6.80 -10.48
N THR A 285 -1.86 -7.57 -11.55
CA THR A 285 -0.69 -7.54 -12.43
C THR A 285 -1.12 -6.97 -13.78
N SER A 286 -0.62 -5.79 -14.10
CA SER A 286 -0.96 -5.15 -15.37
C SER A 286 -0.35 -5.94 -16.54
N VAL A 287 -0.96 -5.78 -17.70
CA VAL A 287 -0.55 -6.49 -18.91
C VAL A 287 -0.26 -5.47 -19.99
N ILE A 288 0.91 -5.58 -20.61
CA ILE A 288 1.30 -4.74 -21.74
C ILE A 288 1.05 -5.53 -23.02
N LEU A 289 0.24 -4.96 -23.91
CA LEU A 289 -0.15 -5.63 -25.14
C LEU A 289 0.71 -5.15 -26.30
N PHE A 290 1.27 -6.11 -27.04
CA PHE A 290 2.10 -5.82 -28.22
C PHE A 290 1.46 -6.49 -29.42
N LEU A 291 0.70 -5.72 -30.20
CA LEU A 291 0.06 -6.24 -31.40
C LEU A 291 1.11 -6.34 -32.51
N ASN A 292 1.71 -7.52 -32.62
CA ASN A 292 2.81 -7.73 -33.55
C ASN A 292 2.29 -8.01 -34.96
N LYS A 293 3.22 -8.13 -35.90
CA LYS A 293 2.93 -8.44 -37.30
C LYS A 293 2.02 -7.39 -37.92
N GLN A 294 2.29 -6.12 -37.64
CA GLN A 294 1.53 -5.04 -38.25
C GLN A 294 1.88 -4.85 -39.72
N ASP A 295 3.12 -5.16 -40.11
CA ASP A 295 3.51 -5.05 -41.50
C ASP A 295 2.82 -6.12 -42.35
N LEU A 296 2.66 -7.32 -41.81
CA LEU A 296 1.91 -8.37 -42.50
C LEU A 296 0.41 -8.08 -42.48
N LEU A 297 -0.07 -7.36 -41.47
CA LEU A 297 -1.48 -6.98 -41.43
C LEU A 297 -1.83 -6.07 -42.60
N ALA A 298 -0.91 -5.18 -42.97
CA ALA A 298 -1.15 -4.24 -44.07
C ALA A 298 -1.18 -4.92 -45.43
N GLU A 299 -0.82 -6.20 -45.51
CA GLU A 299 -0.83 -6.94 -46.76
C GLU A 299 -2.02 -7.86 -46.91
N LYS A 300 -2.54 -8.41 -45.80
CA LYS A 300 -3.66 -9.32 -45.86
C LYS A 300 -4.97 -8.59 -46.14
N VAL A 301 -5.15 -7.41 -45.56
CA VAL A 301 -6.38 -6.66 -45.77
C VAL A 301 -6.34 -5.86 -47.07
N LEU A 302 -5.14 -5.44 -47.52
CA LEU A 302 -5.05 -4.66 -48.74
C LEU A 302 -5.42 -5.50 -49.96
N ALA A 303 -4.94 -6.75 -50.01
CA ALA A 303 -5.24 -7.63 -51.12
C ALA A 303 -5.14 -9.07 -50.65
N GLY A 304 -5.91 -9.94 -51.29
CA GLY A 304 -5.89 -11.35 -50.96
C GLY A 304 -7.08 -11.76 -50.10
N LYS A 305 -6.88 -12.86 -49.38
CA LYS A 305 -7.92 -13.40 -48.53
C LYS A 305 -8.15 -12.48 -47.33
N SER A 306 -9.37 -11.97 -47.21
CA SER A 306 -9.75 -11.11 -46.09
C SER A 306 -10.29 -11.98 -44.94
N LYS A 307 -9.35 -12.66 -44.27
CA LYS A 307 -9.72 -13.56 -43.19
C LYS A 307 -10.23 -12.84 -41.95
N ILE A 308 -10.15 -11.51 -41.91
CA ILE A 308 -10.70 -10.75 -40.79
C ILE A 308 -12.20 -10.56 -40.89
N GLU A 309 -12.79 -10.83 -42.06
CA GLU A 309 -14.22 -10.63 -42.26
C GLU A 309 -15.04 -11.89 -42.00
N ASP A 310 -14.50 -13.06 -42.32
CA ASP A 310 -15.21 -14.31 -42.06
C ASP A 310 -14.92 -14.89 -40.69
N TYR A 311 -13.87 -14.43 -40.02
CA TYR A 311 -13.57 -14.83 -38.65
C TYR A 311 -14.13 -13.86 -37.63
N PHE A 312 -14.82 -12.81 -38.07
CA PHE A 312 -15.44 -11.82 -37.19
C PHE A 312 -16.64 -11.19 -37.91
N PRO A 313 -17.85 -11.39 -37.41
CA PRO A 313 -19.03 -10.88 -38.11
C PRO A 313 -19.35 -9.41 -37.85
N GLU A 314 -18.73 -8.79 -36.85
CA GLU A 314 -18.98 -7.39 -36.54
C GLU A 314 -17.95 -6.46 -37.17
N PHE A 315 -17.09 -6.97 -38.05
CA PHE A 315 -16.10 -6.12 -38.70
C PHE A 315 -16.67 -5.42 -39.92
N ALA A 316 -17.64 -6.03 -40.60
CA ALA A 316 -18.25 -5.40 -41.77
C ALA A 316 -19.00 -4.13 -41.38
N ARG A 317 -19.80 -4.19 -40.32
CA ARG A 317 -20.52 -3.02 -39.81
C ARG A 317 -19.70 -2.30 -38.74
N TYR A 318 -18.45 -1.97 -39.05
CA TYR A 318 -17.55 -1.33 -38.12
C TYR A 318 -16.89 -0.13 -38.79
N THR A 319 -16.72 0.95 -38.04
CA THR A 319 -16.07 2.16 -38.51
C THR A 319 -14.91 2.51 -37.58
N THR A 320 -13.87 3.09 -38.16
CA THR A 320 -12.71 3.48 -37.36
C THR A 320 -13.11 4.57 -36.37
N PRO A 321 -12.65 4.48 -35.11
CA PRO A 321 -13.03 5.49 -34.11
C PRO A 321 -12.43 6.85 -34.44
N GLU A 322 -12.98 7.87 -33.78
CA GLU A 322 -12.48 9.23 -33.94
C GLU A 322 -11.15 9.47 -33.23
N ASP A 323 -10.74 8.55 -32.34
CA ASP A 323 -9.47 8.66 -31.64
C ASP A 323 -8.33 7.98 -32.38
N ALA A 324 -8.54 7.61 -33.64
CA ALA A 324 -7.51 6.93 -34.42
C ALA A 324 -6.48 7.92 -34.90
N THR A 325 -5.20 7.57 -34.76
CA THR A 325 -4.08 8.39 -35.23
C THR A 325 -3.47 7.72 -36.45
N PRO A 326 -3.85 8.14 -37.67
CA PRO A 326 -3.32 7.49 -38.87
C PRO A 326 -1.82 7.72 -39.02
N GLU A 327 -1.15 6.72 -39.57
CA GLU A 327 0.28 6.77 -39.82
C GLU A 327 0.55 6.81 -41.33
N PRO A 328 1.64 7.44 -41.75
CA PRO A 328 1.93 7.51 -43.20
C PRO A 328 2.30 6.16 -43.76
N GLY A 329 1.84 5.90 -44.98
CA GLY A 329 2.12 4.65 -45.65
C GLY A 329 1.22 3.50 -45.26
N GLU A 330 0.04 3.79 -44.72
CA GLU A 330 -0.91 2.74 -44.32
C GLU A 330 -2.21 2.92 -45.09
N ASP A 331 -2.86 1.79 -45.36
CA ASP A 331 -4.15 1.80 -46.05
C ASP A 331 -5.27 2.09 -45.04
N PRO A 332 -6.23 2.96 -45.38
CA PRO A 332 -7.34 3.20 -44.45
C PRO A 332 -8.12 1.94 -44.08
N ARG A 333 -8.15 0.94 -44.97
CA ARG A 333 -8.79 -0.33 -44.63
C ARG A 333 -7.99 -1.12 -43.61
N VAL A 334 -6.69 -0.87 -43.51
CA VAL A 334 -5.87 -1.55 -42.50
C VAL A 334 -5.99 -0.85 -41.16
N THR A 335 -6.07 0.49 -41.17
CA THR A 335 -6.27 1.24 -39.93
C THR A 335 -7.58 0.85 -39.27
N ARG A 336 -8.64 0.67 -40.07
CA ARG A 336 -9.90 0.19 -39.53
C ARG A 336 -9.79 -1.25 -39.03
N ALA A 337 -8.87 -2.02 -39.61
CA ALA A 337 -8.68 -3.40 -39.17
C ALA A 337 -7.73 -3.48 -37.98
N LYS A 338 -6.66 -2.68 -37.98
CA LYS A 338 -5.72 -2.69 -36.87
C LYS A 338 -6.38 -2.21 -35.57
N TYR A 339 -7.12 -1.10 -35.65
CA TYR A 339 -7.80 -0.59 -34.48
C TYR A 339 -8.99 -1.46 -34.07
N PHE A 340 -9.47 -2.32 -34.97
CA PHE A 340 -10.56 -3.23 -34.61
C PHE A 340 -10.06 -4.34 -33.69
N ILE A 341 -8.88 -4.89 -33.99
CA ILE A 341 -8.30 -5.91 -33.12
C ILE A 341 -7.98 -5.32 -31.75
N ARG A 342 -7.56 -4.05 -31.72
CA ARG A 342 -7.29 -3.39 -30.45
C ARG A 342 -8.57 -3.26 -29.62
N ASP A 343 -9.68 -2.88 -30.27
CA ASP A 343 -10.95 -2.78 -29.56
C ASP A 343 -11.47 -4.13 -29.09
N GLU A 344 -11.09 -5.22 -29.77
CA GLU A 344 -11.47 -6.54 -29.31
C GLU A 344 -10.72 -6.95 -28.04
N PHE A 345 -9.47 -6.50 -27.91
CA PHE A 345 -8.72 -6.74 -26.67
C PHE A 345 -9.12 -5.77 -25.58
N LEU A 346 -9.46 -4.53 -25.95
CA LEU A 346 -9.82 -3.50 -24.98
C LEU A 346 -11.27 -3.60 -24.53
N ARG A 347 -12.02 -4.61 -24.98
CA ARG A 347 -13.37 -4.85 -24.49
C ARG A 347 -13.39 -5.78 -23.28
N ILE A 348 -12.47 -6.75 -23.23
CA ILE A 348 -12.39 -7.62 -22.06
C ILE A 348 -11.68 -6.92 -20.91
N SER A 349 -10.73 -6.03 -21.20
CA SER A 349 -9.97 -5.37 -20.15
C SER A 349 -10.76 -4.28 -19.45
N THR A 350 -11.89 -3.84 -20.02
CA THR A 350 -12.72 -2.80 -19.44
C THR A 350 -13.96 -3.34 -18.76
N ALA A 351 -14.63 -4.33 -19.36
CA ALA A 351 -15.85 -4.89 -18.77
C ALA A 351 -15.52 -5.71 -17.53
N SER A 352 -14.67 -6.73 -17.68
CA SER A 352 -14.33 -7.61 -16.56
C SER A 352 -13.35 -6.97 -15.59
N GLY A 353 -12.82 -5.79 -15.89
CA GLY A 353 -11.88 -5.15 -15.00
C GLY A 353 -12.53 -4.58 -13.75
N ASP A 354 -11.68 -4.22 -12.79
CA ASP A 354 -12.15 -3.65 -11.53
C ASP A 354 -11.45 -2.34 -11.23
N GLY A 355 -10.22 -2.17 -11.71
CA GLY A 355 -9.48 -0.95 -11.50
C GLY A 355 -8.14 -1.17 -10.83
N ARG A 356 -7.73 -2.42 -10.69
CA ARG A 356 -6.44 -2.75 -10.07
C ARG A 356 -5.34 -2.81 -11.11
N HIS A 357 -5.51 -3.65 -12.12
CA HIS A 357 -4.55 -3.78 -13.21
C HIS A 357 -5.07 -3.07 -14.46
N TYR A 358 -4.14 -2.71 -15.33
CA TYR A 358 -4.46 -1.97 -16.55
C TYR A 358 -3.83 -2.64 -17.76
N CYS A 359 -4.39 -2.36 -18.93
CA CYS A 359 -3.93 -2.91 -20.18
C CYS A 359 -3.46 -1.79 -21.09
N TYR A 360 -2.24 -1.91 -21.61
CA TYR A 360 -1.65 -0.88 -22.47
C TYR A 360 -1.39 -1.47 -23.85
N PRO A 361 -2.26 -1.22 -24.83
CA PRO A 361 -2.04 -1.75 -26.17
C PRO A 361 -0.98 -0.95 -26.92
N HIS A 362 -0.29 -1.65 -27.83
CA HIS A 362 0.75 -1.04 -28.62
C HIS A 362 0.80 -1.72 -29.98
N PHE A 363 1.34 -0.99 -30.97
CA PHE A 363 1.50 -1.48 -32.33
C PHE A 363 2.97 -1.68 -32.62
N THR A 364 3.33 -2.89 -33.04
CA THR A 364 4.72 -3.23 -33.33
C THR A 364 4.79 -4.13 -34.55
N CYS A 365 5.91 -4.06 -35.26
CA CYS A 365 6.16 -4.89 -36.44
C CYS A 365 7.32 -5.86 -36.22
N SER A 366 7.71 -6.11 -34.97
CA SER A 366 8.79 -6.99 -34.56
C SER A 366 10.16 -6.52 -35.02
N VAL A 367 10.26 -5.36 -35.68
CA VAL A 367 11.52 -4.80 -36.14
C VAL A 367 11.77 -3.41 -35.59
N ASP A 368 10.98 -2.98 -34.61
CA ASP A 368 11.13 -1.65 -34.05
C ASP A 368 12.39 -1.57 -33.19
N THR A 369 13.20 -0.54 -33.43
CA THR A 369 14.43 -0.32 -32.68
C THR A 369 14.22 0.48 -31.40
N GLU A 370 12.97 0.58 -30.93
CA GLU A 370 12.67 1.33 -29.72
C GLU A 370 11.69 0.60 -28.82
N ASN A 371 11.57 -0.72 -28.95
CA ASN A 371 10.62 -1.47 -28.12
C ASN A 371 10.98 -1.44 -26.64
N ILE A 372 12.22 -1.12 -26.30
CA ILE A 372 12.60 -0.98 -24.90
C ILE A 372 12.08 0.31 -24.28
N ARG A 373 11.69 1.28 -25.11
CA ARG A 373 11.16 2.54 -24.59
C ARG A 373 9.68 2.42 -24.24
N ARG A 374 8.91 1.67 -25.06
CA ARG A 374 7.49 1.50 -24.76
C ARG A 374 7.29 0.72 -23.47
N VAL A 375 8.11 -0.29 -23.22
CA VAL A 375 8.01 -1.04 -21.97
C VAL A 375 8.50 -0.20 -20.80
N PHE A 376 9.46 0.70 -21.05
CA PHE A 376 9.97 1.55 -19.98
C PHE A 376 8.93 2.57 -19.55
N ASN A 377 8.31 3.26 -20.50
CA ASN A 377 7.28 4.24 -20.15
C ASN A 377 6.06 3.57 -19.55
N ASP A 378 5.67 2.41 -20.08
CA ASP A 378 4.51 1.70 -19.55
C ASP A 378 4.77 1.15 -18.14
N CYS A 379 6.02 0.81 -17.82
CA CYS A 379 6.33 0.35 -16.48
C CYS A 379 6.37 1.51 -15.49
N ARG A 380 6.78 2.70 -15.93
CA ARG A 380 6.76 3.87 -15.07
C ARG A 380 5.33 4.28 -14.73
N ASP A 381 4.38 4.01 -15.63
CA ASP A 381 2.98 4.31 -15.35
C ASP A 381 2.36 3.31 -14.39
N ILE A 382 2.89 2.09 -14.35
CA ILE A 382 2.36 1.08 -13.43
C ILE A 382 2.81 1.37 -12.00
N ILE A 383 4.08 1.76 -11.82
CA ILE A 383 4.57 2.05 -10.48
C ILE A 383 3.93 3.31 -9.93
N GLN A 384 3.72 4.31 -10.78
CA GLN A 384 3.05 5.53 -10.35
C GLN A 384 1.61 5.24 -9.94
N ARG A 385 0.89 4.45 -10.75
CA ARG A 385 -0.47 4.07 -10.38
C ARG A 385 -0.49 3.17 -9.15
N MET A 386 0.59 2.42 -8.93
CA MET A 386 0.68 1.59 -7.72
C MET A 386 0.96 2.45 -6.50
N HIS A 387 1.80 3.47 -6.64
CA HIS A 387 2.07 4.38 -5.52
C HIS A 387 0.85 5.26 -5.23
N LEU A 388 0.11 5.63 -6.27
CA LEU A 388 -1.13 6.39 -6.06
C LEU A 388 -2.16 5.59 -5.28
N ARG A 389 -2.12 4.26 -5.42
CA ARG A 389 -3.05 3.40 -4.68
C ARG A 389 -2.68 3.27 -3.21
N GLN A 390 -1.42 3.50 -2.86
CA GLN A 390 -1.01 3.41 -1.46
C GLN A 390 -1.58 4.55 -0.63
N TYR A 391 -1.46 5.78 -1.12
CA TYR A 391 -1.98 6.95 -0.43
C TYR A 391 -3.47 7.17 -0.66
N GLU A 392 -4.17 6.19 -1.23
CA GLU A 392 -5.62 6.26 -1.47
C GLU A 392 -6.01 7.43 -2.36
N LEU A 393 -5.07 7.92 -3.18
CA LEU A 393 -5.38 9.04 -4.06
C LEU A 393 -6.23 8.59 -5.25
N LEU A 394 -5.74 7.63 -6.02
CA LEU A 394 -6.48 7.11 -7.17
C LEU A 394 -7.25 5.85 -6.80
N SER B 12 -12.39 -48.79 -36.94
CA SER B 12 -11.73 -50.09 -36.83
C SER B 12 -11.46 -50.44 -35.37
N GLU B 13 -10.17 -50.57 -35.03
CA GLU B 13 -9.80 -50.90 -33.66
C GLU B 13 -9.99 -49.73 -32.71
N LEU B 14 -10.17 -48.51 -33.22
CA LEU B 14 -10.38 -47.36 -32.35
C LEU B 14 -11.68 -47.49 -31.56
N ASP B 15 -12.75 -47.95 -32.23
CA ASP B 15 -14.00 -48.19 -31.51
C ASP B 15 -13.89 -49.42 -30.62
N GLN B 16 -13.17 -50.44 -31.08
CA GLN B 16 -12.97 -51.64 -30.26
C GLN B 16 -12.16 -51.32 -29.01
N LEU B 17 -11.19 -50.41 -29.13
CA LEU B 17 -10.39 -50.02 -27.97
C LEU B 17 -11.26 -49.34 -26.90
N ARG B 18 -12.33 -48.67 -27.31
CA ARG B 18 -13.23 -48.04 -26.35
C ARG B 18 -14.23 -49.02 -25.76
N GLN B 19 -14.53 -50.11 -26.46
CA GLN B 19 -15.44 -51.12 -25.91
C GLN B 19 -14.79 -51.86 -24.75
N GLU B 20 -13.52 -52.20 -24.87
CA GLU B 20 -12.82 -52.87 -23.78
C GLU B 20 -12.43 -51.90 -22.67
N ALA B 21 -12.17 -50.64 -23.01
CA ALA B 21 -11.83 -49.65 -21.99
C ALA B 21 -13.03 -49.31 -21.12
N GLU B 22 -14.19 -49.10 -21.75
CA GLU B 22 -15.40 -48.80 -20.99
C GLU B 22 -15.81 -49.97 -20.12
N GLN B 23 -15.64 -51.20 -20.61
CA GLN B 23 -15.96 -52.38 -19.81
C GLN B 23 -14.97 -52.56 -18.67
N LEU B 24 -13.69 -52.27 -18.91
CA LEU B 24 -12.70 -52.35 -17.84
C LEU B 24 -12.94 -51.26 -16.80
N LYS B 25 -13.37 -50.07 -17.24
CA LYS B 25 -13.73 -49.02 -16.29
C LYS B 25 -14.99 -49.38 -15.52
N ASN B 26 -15.88 -50.16 -16.11
CA ASN B 26 -17.07 -50.62 -15.40
C ASN B 26 -16.75 -51.81 -14.50
N GLN B 27 -15.88 -52.72 -14.96
CA GLN B 27 -15.47 -53.84 -14.13
C GLN B 27 -14.69 -53.38 -12.91
N ILE B 28 -13.88 -52.33 -13.06
CA ILE B 28 -13.16 -51.79 -11.92
C ILE B 28 -14.05 -50.92 -11.03
N ARG B 29 -15.17 -50.42 -11.57
CA ARG B 29 -16.08 -49.62 -10.77
C ARG B 29 -17.00 -50.49 -9.93
N ASP B 30 -17.44 -51.63 -10.48
CA ASP B 30 -18.30 -52.54 -9.72
C ASP B 30 -17.54 -53.19 -8.58
N ALA B 31 -16.24 -53.44 -8.75
CA ALA B 31 -15.45 -54.00 -7.66
C ALA B 31 -15.27 -53.00 -6.53
N ARG B 32 -15.21 -51.70 -6.84
CA ARG B 32 -15.11 -50.70 -5.80
C ARG B 32 -16.43 -50.55 -5.04
N LYS B 33 -17.56 -50.76 -5.74
CA LYS B 33 -18.86 -50.66 -5.08
C LYS B 33 -19.07 -51.81 -4.11
N ALA B 34 -18.53 -52.99 -4.41
CA ALA B 34 -18.68 -54.12 -3.51
C ALA B 34 -17.91 -53.89 -2.21
N CYS B 35 -16.80 -53.17 -2.25
CA CYS B 35 -16.02 -52.85 -1.07
C CYS B 35 -16.43 -51.53 -0.44
N ALA B 36 -17.57 -50.97 -0.85
CA ALA B 36 -18.06 -49.69 -0.34
C ALA B 36 -19.21 -49.88 0.64
N ASP B 37 -19.12 -50.89 1.50
CA ASP B 37 -20.20 -51.22 2.44
C ASP B 37 -20.63 -50.01 3.27
N ALA B 38 -19.68 -49.33 3.91
CA ALA B 38 -20.00 -48.23 4.82
C ALA B 38 -19.38 -46.90 4.42
N THR B 39 -18.24 -46.91 3.72
CA THR B 39 -17.53 -45.71 3.27
C THR B 39 -17.18 -44.79 4.45
N LEU B 40 -17.14 -45.33 5.67
CA LEU B 40 -16.82 -44.55 6.87
C LEU B 40 -17.76 -43.37 7.04
N SER B 41 -19.06 -43.65 7.02
CA SER B 41 -20.09 -42.63 7.19
C SER B 41 -21.15 -42.98 8.22
N GLN B 42 -21.41 -44.26 8.48
CA GLN B 42 -22.46 -44.66 9.41
C GLN B 42 -21.91 -45.24 10.71
N ILE B 43 -20.70 -45.79 10.70
CA ILE B 43 -20.16 -46.46 11.89
C ILE B 43 -19.22 -45.52 12.64
N THR B 44 -18.59 -44.60 11.91
CA THR B 44 -17.61 -43.70 12.50
C THR B 44 -18.24 -42.49 13.19
N ASN B 45 -19.58 -42.37 13.17
CA ASN B 45 -20.22 -41.21 13.78
C ASN B 45 -20.21 -41.28 15.30
N ASN B 46 -20.04 -42.46 15.88
CA ASN B 46 -20.07 -42.61 17.34
C ASN B 46 -18.64 -42.62 17.87
N ILE B 47 -17.98 -41.47 17.70
CA ILE B 47 -16.63 -41.25 18.23
C ILE B 47 -16.64 -39.94 19.02
N ASP B 48 -15.50 -39.66 19.66
CA ASP B 48 -15.38 -38.48 20.50
C ASP B 48 -14.66 -37.38 19.72
N PRO B 49 -15.35 -36.30 19.35
CA PRO B 49 -14.66 -35.20 18.66
C PRO B 49 -13.82 -34.39 19.64
N VAL B 50 -12.61 -34.01 19.20
CA VAL B 50 -11.71 -33.26 20.06
C VAL B 50 -12.16 -31.81 20.27
N GLY B 51 -13.16 -31.36 19.52
CA GLY B 51 -13.64 -30.00 19.68
C GLY B 51 -12.69 -28.98 19.07
N ARG B 52 -12.98 -27.71 19.37
CA ARG B 52 -12.18 -26.60 18.86
C ARG B 52 -10.77 -26.63 19.44
N ILE B 53 -9.78 -26.90 18.60
CA ILE B 53 -8.37 -26.88 18.99
C ILE B 53 -7.77 -25.60 18.44
N GLN B 54 -7.51 -24.64 19.33
CA GLN B 54 -7.01 -23.33 18.95
C GLN B 54 -5.48 -23.31 19.05
N MET B 55 -4.83 -22.91 17.97
CA MET B 55 -3.38 -22.81 17.92
C MET B 55 -2.99 -21.34 17.69
N ARG B 56 -1.79 -20.99 18.16
CA ARG B 56 -1.27 -19.64 18.02
C ARG B 56 0.15 -19.70 17.50
N THR B 57 0.52 -18.69 16.71
CA THR B 57 1.86 -18.62 16.14
C THR B 57 2.88 -18.34 17.24
N ARG B 58 3.90 -19.19 17.34
CA ARG B 58 4.94 -19.03 18.35
C ARG B 58 6.19 -18.34 17.80
N ARG B 59 6.49 -18.52 16.51
CA ARG B 59 7.64 -17.89 15.88
C ARG B 59 7.20 -17.29 14.55
N THR B 60 8.07 -16.45 13.99
CA THR B 60 7.81 -15.83 12.70
C THR B 60 9.13 -15.57 11.99
N LEU B 61 9.24 -16.03 10.75
CA LEU B 61 10.44 -15.88 9.94
C LEU B 61 10.14 -14.88 8.84
N ARG B 62 10.67 -13.66 8.99
CA ARG B 62 10.41 -12.56 8.06
C ARG B 62 11.69 -12.13 7.34
N GLY B 63 12.55 -13.08 7.01
CA GLY B 63 13.79 -12.78 6.34
C GLY B 63 13.70 -12.84 4.83
N HIS B 64 12.69 -13.54 4.31
CA HIS B 64 12.51 -13.68 2.88
C HIS B 64 11.97 -12.38 2.28
N LEU B 65 12.33 -12.14 1.03
CA LEU B 65 11.94 -10.93 0.31
C LEU B 65 10.75 -11.16 -0.63
N ALA B 66 10.69 -12.31 -1.28
CA ALA B 66 9.61 -12.65 -2.19
C ALA B 66 8.69 -13.68 -1.56
N LYS B 67 7.72 -14.14 -2.36
CA LYS B 67 6.72 -15.07 -1.85
C LYS B 67 7.34 -16.44 -1.60
N ILE B 68 7.07 -17.00 -0.42
CA ILE B 68 7.55 -18.33 -0.09
C ILE B 68 6.68 -19.36 -0.77
N TYR B 69 7.31 -20.35 -1.43
CA TYR B 69 6.59 -21.37 -2.18
C TYR B 69 6.69 -22.76 -1.60
N ALA B 70 7.70 -23.04 -0.78
CA ALA B 70 7.86 -24.39 -0.24
C ALA B 70 8.72 -24.35 1.02
N MET B 71 8.59 -25.39 1.83
CA MET B 71 9.40 -25.57 3.03
C MET B 71 9.41 -27.05 3.38
N HIS B 72 10.41 -27.45 4.14
CA HIS B 72 10.56 -28.85 4.52
C HIS B 72 11.38 -28.93 5.81
N TRP B 73 10.88 -29.71 6.76
CA TRP B 73 11.60 -29.91 8.02
C TRP B 73 12.66 -31.01 7.86
N GLY B 74 13.64 -30.98 8.76
CA GLY B 74 14.64 -32.02 8.80
C GLY B 74 14.28 -33.14 9.75
N THR B 75 15.15 -34.15 9.79
CA THR B 75 14.93 -35.28 10.69
C THR B 75 15.08 -34.88 12.15
N ASP B 76 15.95 -33.91 12.45
CA ASP B 76 16.15 -33.45 13.82
C ASP B 76 15.03 -32.54 14.31
N SER B 77 14.08 -32.17 13.44
CA SER B 77 12.93 -31.33 13.76
C SER B 77 13.32 -29.93 14.22
N ARG B 78 14.60 -29.55 14.11
CA ARG B 78 15.06 -28.23 14.48
C ARG B 78 15.25 -27.32 13.27
N LEU B 79 16.07 -27.76 12.31
CA LEU B 79 16.33 -26.95 11.13
C LEU B 79 15.13 -26.93 10.20
N LEU B 80 15.07 -25.90 9.36
CA LEU B 80 13.97 -25.73 8.43
C LEU B 80 14.47 -24.93 7.23
N VAL B 81 14.37 -25.52 6.04
CA VAL B 81 14.76 -24.85 4.79
C VAL B 81 13.50 -24.33 4.12
N SER B 82 13.57 -23.09 3.63
CA SER B 82 12.46 -22.45 2.95
C SER B 82 12.94 -21.89 1.61
N ALA B 83 12.10 -22.03 0.59
CA ALA B 83 12.42 -21.56 -0.76
C ALA B 83 11.46 -20.43 -1.13
N SER B 84 12.01 -19.33 -1.62
CA SER B 84 11.24 -18.17 -2.03
C SER B 84 11.52 -17.85 -3.48
N GLN B 85 10.73 -16.93 -4.04
CA GLN B 85 10.84 -16.55 -5.44
C GLN B 85 11.83 -15.42 -5.68
N ASP B 86 12.76 -15.19 -4.74
CA ASP B 86 13.80 -14.18 -4.90
C ASP B 86 15.17 -14.78 -5.13
N GLY B 87 15.29 -16.11 -5.16
CA GLY B 87 16.57 -16.76 -5.32
C GLY B 87 17.28 -16.97 -4.00
N LYS B 88 16.54 -17.48 -3.01
CA LYS B 88 17.09 -17.71 -1.67
C LYS B 88 16.62 -19.05 -1.15
N LEU B 89 17.49 -19.71 -0.39
CA LEU B 89 17.22 -21.02 0.20
C LEU B 89 17.61 -21.01 1.67
N ILE B 90 17.15 -19.98 2.39
CA ILE B 90 17.53 -19.79 3.79
C ILE B 90 17.13 -21.02 4.62
N ILE B 91 18.05 -21.48 5.45
CA ILE B 91 17.83 -22.61 6.34
C ILE B 91 17.71 -22.05 7.75
N TRP B 92 16.48 -22.00 8.26
CA TRP B 92 16.23 -21.39 9.55
C TRP B 92 16.46 -22.39 10.69
N ASP B 93 16.63 -21.84 11.89
CA ASP B 93 16.66 -22.61 13.13
C ASP B 93 15.39 -22.27 13.89
N SER B 94 14.42 -23.20 13.88
CA SER B 94 13.09 -22.91 14.41
C SER B 94 13.13 -22.64 15.92
N TYR B 95 14.18 -23.10 16.61
CA TYR B 95 14.22 -22.96 18.05
C TYR B 95 14.55 -21.52 18.45
N THR B 96 15.60 -20.94 17.85
CA THR B 96 16.08 -19.63 18.25
C THR B 96 15.98 -18.60 17.13
N THR B 97 15.36 -18.94 16.00
CA THR B 97 15.18 -18.02 14.87
C THR B 97 16.51 -17.47 14.39
N ASN B 98 17.36 -18.37 13.90
CA ASN B 98 18.68 -18.03 13.40
C ASN B 98 18.83 -18.55 11.98
N LYS B 99 19.27 -17.68 11.08
CA LYS B 99 19.52 -18.05 9.69
C LYS B 99 20.85 -18.80 9.63
N VAL B 100 20.78 -20.13 9.71
CA VAL B 100 21.99 -20.94 9.72
C VAL B 100 22.68 -20.87 8.36
N HIS B 101 21.91 -20.85 7.27
CA HIS B 101 22.47 -20.78 5.93
C HIS B 101 21.59 -19.90 5.06
N ALA B 102 22.19 -19.33 4.02
CA ALA B 102 21.49 -18.51 3.03
C ALA B 102 22.13 -18.84 1.67
N ILE B 103 21.51 -19.77 0.96
CA ILE B 103 22.05 -20.28 -0.30
C ILE B 103 21.50 -19.41 -1.42
N PRO B 104 22.34 -18.69 -2.16
CA PRO B 104 21.87 -17.91 -3.32
C PRO B 104 21.73 -18.82 -4.53
N LEU B 105 20.51 -18.99 -5.01
CA LEU B 105 20.23 -19.88 -6.13
C LEU B 105 20.44 -19.17 -7.46
N ARG B 106 20.67 -19.98 -8.49
CA ARG B 106 20.88 -19.44 -9.83
C ARG B 106 19.60 -18.83 -10.38
N SER B 107 18.56 -19.65 -10.51
CA SER B 107 17.27 -19.18 -11.00
C SER B 107 16.38 -18.81 -9.83
N SER B 108 15.85 -17.58 -9.86
CA SER B 108 15.00 -17.09 -8.78
C SER B 108 13.60 -17.70 -8.80
N TRP B 109 13.28 -18.53 -9.78
CA TRP B 109 11.97 -19.15 -9.88
C TRP B 109 12.06 -20.54 -9.24
N VAL B 110 11.69 -20.61 -7.96
CA VAL B 110 11.74 -21.84 -7.18
C VAL B 110 10.33 -22.22 -6.81
N MET B 111 9.95 -23.46 -7.09
CA MET B 111 8.61 -23.96 -6.80
C MET B 111 8.59 -25.12 -5.82
N THR B 112 9.74 -25.59 -5.37
CA THR B 112 9.79 -26.70 -4.42
C THR B 112 11.15 -26.70 -3.72
N CYS B 113 11.21 -27.47 -2.64
CA CYS B 113 12.43 -27.66 -1.86
C CYS B 113 12.24 -28.86 -0.95
N ALA B 114 13.35 -29.46 -0.55
CA ALA B 114 13.30 -30.64 0.30
C ALA B 114 14.54 -30.70 1.15
N TYR B 115 14.46 -31.44 2.25
CA TYR B 115 15.57 -31.62 3.18
C TYR B 115 15.92 -33.10 3.25
N ALA B 116 17.21 -33.41 3.14
CA ALA B 116 17.65 -34.80 3.19
C ALA B 116 17.33 -35.41 4.55
N PRO B 117 17.06 -36.72 4.60
CA PRO B 117 16.77 -37.37 5.89
C PRO B 117 17.95 -37.39 6.85
N SER B 118 19.15 -37.00 6.41
CA SER B 118 20.31 -36.93 7.27
C SER B 118 20.75 -35.51 7.58
N GLY B 119 20.22 -34.51 6.88
CA GLY B 119 20.58 -33.13 7.11
C GLY B 119 21.82 -32.66 6.39
N ASN B 120 22.35 -33.46 5.46
CA ASN B 120 23.58 -33.09 4.77
C ASN B 120 23.33 -32.37 3.45
N TYR B 121 22.25 -32.71 2.75
CA TYR B 121 21.95 -32.14 1.45
C TYR B 121 20.60 -31.44 1.47
N VAL B 122 20.41 -30.55 0.48
CA VAL B 122 19.16 -29.82 0.31
C VAL B 122 18.93 -29.62 -1.18
N ALA B 123 17.68 -29.77 -1.61
CA ALA B 123 17.31 -29.67 -3.02
C ALA B 123 16.34 -28.52 -3.24
N CYS B 124 16.21 -28.13 -4.51
CA CYS B 124 15.29 -27.07 -4.91
C CYS B 124 15.06 -27.10 -6.42
N GLY B 125 13.81 -27.07 -6.83
CA GLY B 125 13.48 -27.05 -8.25
C GLY B 125 12.92 -25.72 -8.71
N GLY B 126 11.92 -25.74 -9.58
CA GLY B 126 11.27 -24.53 -10.02
C GLY B 126 11.05 -24.57 -11.52
N LEU B 127 10.83 -23.38 -12.09
CA LEU B 127 10.56 -23.23 -13.51
C LEU B 127 11.79 -23.42 -14.39
N ASP B 128 12.96 -23.65 -13.80
CA ASP B 128 14.18 -23.84 -14.57
C ASP B 128 14.38 -25.28 -15.02
N ASN B 129 13.47 -26.19 -14.65
CA ASN B 129 13.51 -27.62 -14.97
C ASN B 129 14.70 -28.33 -14.35
N ILE B 130 15.49 -27.67 -13.52
CA ILE B 130 16.70 -28.24 -12.94
C ILE B 130 16.46 -28.46 -11.45
N CYS B 131 16.87 -29.64 -10.96
CA CYS B 131 16.79 -29.98 -9.54
C CYS B 131 18.21 -29.94 -8.99
N SER B 132 18.57 -28.80 -8.40
CA SER B 132 19.93 -28.62 -7.90
C SER B 132 20.08 -29.21 -6.50
N ILE B 133 21.21 -29.86 -6.26
CA ILE B 133 21.54 -30.44 -4.96
C ILE B 133 22.68 -29.64 -4.36
N TYR B 134 22.51 -29.20 -3.12
CA TYR B 134 23.50 -28.41 -2.41
C TYR B 134 24.03 -29.20 -1.22
N ASN B 135 25.35 -29.16 -1.04
CA ASN B 135 26.03 -29.89 0.04
C ASN B 135 26.23 -28.93 1.21
N LEU B 136 25.57 -29.21 2.32
CA LEU B 136 25.69 -28.35 3.50
C LEU B 136 26.96 -28.68 4.29
N LYS B 137 27.17 -29.95 4.62
CA LYS B 137 28.32 -30.38 5.41
C LYS B 137 29.53 -30.49 4.49
N THR B 138 30.21 -29.37 4.28
CA THR B 138 31.39 -29.31 3.44
C THR B 138 32.64 -29.20 4.30
N ARG B 139 33.74 -29.78 3.81
CA ARG B 139 34.99 -29.74 4.56
C ARG B 139 35.55 -28.32 4.62
N GLU B 140 35.34 -27.52 3.57
CA GLU B 140 35.82 -26.15 3.57
C GLU B 140 35.01 -25.26 4.49
N GLY B 141 33.72 -25.55 4.66
CA GLY B 141 32.85 -24.78 5.51
C GLY B 141 31.84 -23.92 4.77
N ASN B 142 31.91 -23.84 3.45
CA ASN B 142 30.97 -23.05 2.66
C ASN B 142 29.88 -23.96 2.10
N VAL B 143 28.99 -23.36 1.32
CA VAL B 143 27.89 -24.06 0.67
C VAL B 143 28.04 -23.92 -0.83
N ARG B 144 27.77 -25.00 -1.56
CA ARG B 144 27.89 -25.01 -3.01
C ARG B 144 27.01 -26.10 -3.58
N VAL B 145 26.67 -25.94 -4.87
CA VAL B 145 25.83 -26.93 -5.55
C VAL B 145 26.64 -28.20 -5.80
N SER B 146 26.11 -29.33 -5.37
CA SER B 146 26.78 -30.61 -5.54
C SER B 146 26.43 -31.29 -6.86
N ARG B 147 25.16 -31.25 -7.26
CA ARG B 147 24.71 -31.90 -8.47
C ARG B 147 23.70 -31.01 -9.18
N GLU B 148 23.75 -31.00 -10.51
CA GLU B 148 22.84 -30.22 -11.35
C GLU B 148 22.06 -31.20 -12.20
N LEU B 149 20.92 -31.66 -11.68
CA LEU B 149 20.12 -32.68 -12.36
C LEU B 149 19.32 -32.04 -13.49
N ALA B 150 19.60 -32.47 -14.72
CA ALA B 150 18.90 -31.99 -15.90
C ALA B 150 18.26 -33.18 -16.63
N GLY B 151 17.31 -32.87 -17.51
CA GLY B 151 16.65 -33.90 -18.28
C GLY B 151 15.15 -33.72 -18.43
N HIS B 152 14.52 -33.06 -17.45
CA HIS B 152 13.09 -32.86 -17.51
C HIS B 152 12.73 -31.87 -18.62
N THR B 153 11.47 -31.91 -19.04
CA THR B 153 10.94 -31.01 -20.05
C THR B 153 9.87 -30.07 -19.53
N GLY B 154 9.56 -30.13 -18.23
CA GLY B 154 8.56 -29.25 -17.65
C GLY B 154 9.02 -28.75 -16.30
N TYR B 155 8.28 -27.76 -15.79
CA TYR B 155 8.61 -27.16 -14.50
C TYR B 155 8.49 -28.20 -13.39
N LEU B 156 9.37 -28.08 -12.40
CA LEU B 156 9.40 -29.00 -11.27
C LEU B 156 8.39 -28.57 -10.23
N SER B 157 7.58 -29.52 -9.75
CA SER B 157 6.52 -29.25 -8.80
C SER B 157 6.89 -29.63 -7.37
N CYS B 158 7.46 -30.82 -7.18
CA CYS B 158 7.83 -31.28 -5.84
C CYS B 158 9.02 -32.22 -5.95
N CYS B 159 9.86 -32.20 -4.92
CA CYS B 159 11.02 -33.07 -4.81
C CYS B 159 11.07 -33.67 -3.41
N ARG B 160 11.49 -34.93 -3.34
CA ARG B 160 11.59 -35.64 -2.07
C ARG B 160 12.82 -36.54 -2.08
N PHE B 161 13.43 -36.70 -0.92
CA PHE B 161 14.67 -37.46 -0.78
C PHE B 161 14.36 -38.86 -0.25
N LEU B 162 14.84 -39.88 -0.96
CA LEU B 162 14.77 -41.24 -0.44
C LEU B 162 15.91 -41.51 0.54
N ASP B 163 17.13 -41.10 0.16
CA ASP B 163 18.30 -41.24 1.00
C ASP B 163 19.33 -40.21 0.54
N ASP B 164 20.57 -40.36 0.99
CA ASP B 164 21.63 -39.43 0.63
C ASP B 164 22.06 -39.55 -0.83
N ASN B 165 21.58 -40.57 -1.56
CA ASN B 165 21.97 -40.77 -2.95
C ASN B 165 20.79 -40.90 -3.90
N GLN B 166 19.56 -40.92 -3.41
CA GLN B 166 18.38 -41.04 -4.24
C GLN B 166 17.42 -39.90 -3.95
N ILE B 167 16.70 -39.46 -4.98
CA ILE B 167 15.75 -38.36 -4.86
C ILE B 167 14.66 -38.55 -5.91
N VAL B 168 13.40 -38.43 -5.47
CA VAL B 168 12.24 -38.56 -6.34
C VAL B 168 11.74 -37.16 -6.65
N THR B 169 11.51 -36.88 -7.93
CA THR B 169 11.01 -35.59 -8.38
C THR B 169 9.69 -35.75 -9.12
N SER B 170 9.10 -34.62 -9.48
CA SER B 170 7.85 -34.61 -10.24
C SER B 170 7.79 -33.31 -11.01
N SER B 171 7.64 -33.40 -12.33
CA SER B 171 7.69 -32.23 -13.20
C SER B 171 6.32 -32.02 -13.85
N GLY B 172 6.19 -30.87 -14.51
CA GLY B 172 4.99 -30.51 -15.24
C GLY B 172 4.84 -31.16 -16.60
N ASP B 173 5.69 -32.14 -16.91
CA ASP B 173 5.62 -32.85 -18.19
C ASP B 173 4.89 -34.18 -18.07
N THR B 174 3.92 -34.26 -17.16
CA THR B 174 3.08 -35.44 -16.92
C THR B 174 3.88 -36.69 -16.58
N THR B 175 5.13 -36.53 -16.15
CA THR B 175 5.98 -37.66 -15.82
C THR B 175 6.76 -37.39 -14.55
N CYS B 176 6.86 -38.41 -13.69
CA CYS B 176 7.72 -38.39 -12.52
C CYS B 176 9.03 -39.11 -12.83
N ALA B 177 10.04 -38.83 -12.02
CA ALA B 177 11.37 -39.37 -12.26
C ALA B 177 11.99 -39.82 -10.94
N LEU B 178 13.12 -40.52 -11.07
CA LEU B 178 13.90 -40.99 -9.92
C LEU B 178 15.37 -40.89 -10.30
N TRP B 179 16.08 -39.95 -9.68
CA TRP B 179 17.44 -39.63 -10.06
C TRP B 179 18.45 -40.32 -9.16
N ASP B 180 19.71 -40.32 -9.60
CA ASP B 180 20.84 -40.85 -8.85
C ASP B 180 21.87 -39.74 -8.73
N ILE B 181 21.99 -39.17 -7.52
CA ILE B 181 22.85 -38.00 -7.33
C ILE B 181 24.32 -38.34 -7.56
N GLU B 182 24.68 -39.61 -7.38
CA GLU B 182 26.08 -40.00 -7.54
C GLU B 182 26.55 -39.82 -8.98
N THR B 183 25.71 -40.21 -9.94
CA THR B 183 26.04 -40.08 -11.36
C THR B 183 25.34 -38.92 -12.04
N GLY B 184 24.14 -38.56 -11.59
CA GLY B 184 23.42 -37.44 -12.15
C GLY B 184 22.39 -37.81 -13.20
N GLN B 185 22.17 -39.09 -13.48
CA GLN B 185 21.22 -39.53 -14.48
C GLN B 185 20.09 -40.31 -13.81
N GLN B 186 18.89 -40.16 -14.36
CA GLN B 186 17.72 -40.83 -13.78
C GLN B 186 17.70 -42.30 -14.15
N THR B 187 17.15 -43.11 -13.24
CA THR B 187 17.03 -44.55 -13.44
C THR B 187 15.63 -45.02 -13.77
N THR B 188 14.60 -44.29 -13.31
CA THR B 188 13.21 -44.66 -13.56
C THR B 188 12.42 -43.41 -13.91
N THR B 189 11.60 -43.51 -14.94
CA THR B 189 10.77 -42.40 -15.41
C THR B 189 9.31 -42.85 -15.34
N PHE B 190 8.64 -42.47 -14.25
CA PHE B 190 7.23 -42.81 -14.09
C PHE B 190 6.38 -42.03 -15.09
N THR B 191 5.53 -42.75 -15.82
CA THR B 191 4.70 -42.14 -16.86
C THR B 191 3.30 -42.74 -16.78
N GLY B 192 2.31 -41.94 -17.15
CA GLY B 192 0.93 -42.40 -17.13
C GLY B 192 -0.07 -41.33 -16.74
N HIS B 193 0.41 -40.17 -16.30
CA HIS B 193 -0.47 -39.08 -15.95
C HIS B 193 -0.87 -38.27 -17.18
N THR B 194 -2.07 -37.72 -17.14
CA THR B 194 -2.58 -36.89 -18.23
C THR B 194 -2.36 -35.41 -17.99
N GLY B 195 -2.39 -34.97 -16.73
CA GLY B 195 -2.16 -33.58 -16.39
C GLY B 195 -0.86 -33.39 -15.62
N ASP B 196 -0.51 -32.12 -15.42
CA ASP B 196 0.74 -31.78 -14.75
C ASP B 196 0.72 -32.28 -13.30
N VAL B 197 1.71 -33.09 -12.95
CA VAL B 197 1.86 -33.54 -11.57
C VAL B 197 2.25 -32.36 -10.70
N MET B 198 1.48 -32.12 -9.64
CA MET B 198 1.66 -30.93 -8.82
C MET B 198 2.39 -31.20 -7.51
N SER B 199 2.36 -32.42 -7.00
CA SER B 199 3.01 -32.72 -5.73
C SER B 199 3.18 -34.23 -5.60
N LEU B 200 3.97 -34.63 -4.61
CA LEU B 200 4.18 -36.03 -4.30
C LEU B 200 4.53 -36.13 -2.81
N SER B 201 4.47 -37.36 -2.30
CA SER B 201 4.77 -37.60 -0.90
C SER B 201 5.20 -39.05 -0.72
N LEU B 202 6.34 -39.25 -0.05
CA LEU B 202 6.86 -40.59 0.16
C LEU B 202 6.19 -41.25 1.36
N ALA B 203 6.01 -42.57 1.25
CA ALA B 203 5.48 -43.35 2.36
C ALA B 203 6.52 -43.45 3.47
N PRO B 204 6.13 -43.86 4.67
CA PRO B 204 7.12 -44.14 5.71
C PRO B 204 8.21 -45.09 5.25
N ASP B 205 7.84 -46.21 4.63
CA ASP B 205 8.80 -47.07 3.96
C ASP B 205 9.03 -46.54 2.55
N THR B 206 10.29 -46.27 2.20
CA THR B 206 10.62 -45.66 0.92
C THR B 206 10.51 -46.66 -0.22
N ARG B 207 9.29 -47.12 -0.49
CA ARG B 207 9.06 -48.05 -1.59
C ARG B 207 7.92 -47.57 -2.48
N LEU B 208 6.95 -46.87 -1.90
CA LEU B 208 5.79 -46.37 -2.62
C LEU B 208 5.63 -44.87 -2.36
N PHE B 209 4.99 -44.21 -3.31
CA PHE B 209 4.72 -42.78 -3.19
C PHE B 209 3.59 -42.41 -4.16
N VAL B 210 2.75 -41.48 -3.73
CA VAL B 210 1.62 -41.03 -4.54
C VAL B 210 2.00 -39.73 -5.22
N SER B 211 1.22 -39.37 -6.24
CA SER B 211 1.48 -38.15 -7.00
C SER B 211 0.16 -37.69 -7.62
N GLY B 212 -0.38 -36.58 -7.11
CA GLY B 212 -1.59 -36.01 -7.66
C GLY B 212 -1.26 -35.06 -8.81
N ALA B 213 -2.01 -35.18 -9.89
CA ALA B 213 -1.77 -34.41 -11.10
C ALA B 213 -2.95 -33.49 -11.39
N CYS B 214 -2.78 -32.66 -12.41
CA CYS B 214 -3.84 -31.72 -12.82
C CYS B 214 -5.01 -32.40 -13.48
N ASP B 215 -4.88 -33.68 -13.86
CA ASP B 215 -5.95 -34.42 -14.50
C ASP B 215 -6.95 -35.02 -13.50
N ALA B 216 -6.98 -34.51 -12.27
CA ALA B 216 -7.87 -34.98 -11.21
C ALA B 216 -7.65 -36.44 -10.86
N SER B 217 -6.48 -36.99 -11.18
CA SER B 217 -6.16 -38.38 -10.90
C SER B 217 -4.94 -38.45 -10.01
N ALA B 218 -5.06 -39.17 -8.89
CA ALA B 218 -3.95 -39.42 -7.98
C ALA B 218 -3.54 -40.89 -8.13
N LYS B 219 -2.30 -41.12 -8.53
CA LYS B 219 -1.79 -42.45 -8.78
C LYS B 219 -0.92 -42.92 -7.63
N LEU B 220 -0.36 -44.12 -7.78
CA LEU B 220 0.52 -44.70 -6.77
C LEU B 220 1.59 -45.51 -7.48
N TRP B 221 2.84 -45.11 -7.32
CA TRP B 221 3.97 -45.71 -8.02
C TRP B 221 4.82 -46.53 -7.05
N ASP B 222 5.68 -47.37 -7.63
CA ASP B 222 6.64 -48.16 -6.89
C ASP B 222 8.03 -47.78 -7.39
N VAL B 223 8.88 -47.33 -6.46
CA VAL B 223 10.20 -46.82 -6.82
C VAL B 223 11.11 -47.88 -7.42
N ARG B 224 10.75 -49.16 -7.31
CA ARG B 224 11.59 -50.21 -7.86
C ARG B 224 11.48 -50.32 -9.37
N GLU B 225 10.28 -50.14 -9.92
CA GLU B 225 10.02 -50.25 -11.35
C GLU B 225 9.32 -48.98 -11.83
N GLY B 226 8.84 -49.03 -13.08
CA GLY B 226 8.05 -47.95 -13.62
C GLY B 226 6.56 -48.29 -13.63
N MET B 227 6.14 -49.07 -12.63
CA MET B 227 4.78 -49.58 -12.57
C MET B 227 3.90 -48.66 -11.75
N CYS B 228 2.68 -48.42 -12.24
CA CYS B 228 1.68 -47.63 -11.53
C CYS B 228 0.73 -48.59 -10.83
N ARG B 229 0.82 -48.66 -9.50
CA ARG B 229 0.03 -49.63 -8.74
C ARG B 229 -1.46 -49.34 -8.87
N GLN B 230 -1.91 -48.18 -8.41
CA GLN B 230 -3.32 -47.84 -8.38
C GLN B 230 -3.52 -46.44 -8.95
N THR B 231 -4.79 -46.09 -9.17
CA THR B 231 -5.15 -44.76 -9.65
C THR B 231 -6.52 -44.40 -9.11
N PHE B 232 -6.65 -43.18 -8.60
CA PHE B 232 -7.90 -42.69 -8.03
C PHE B 232 -8.34 -41.43 -8.76
N THR B 233 -9.65 -41.31 -8.98
CA THR B 233 -10.22 -40.18 -9.70
C THR B 233 -11.42 -39.63 -8.95
N GLY B 234 -11.30 -39.50 -7.63
CA GLY B 234 -12.40 -38.99 -6.83
C GLY B 234 -12.63 -37.51 -6.99
N HIS B 235 -11.54 -36.74 -7.08
CA HIS B 235 -11.65 -35.29 -7.15
C HIS B 235 -12.21 -34.87 -8.52
N GLU B 236 -12.45 -33.56 -8.65
CA GLU B 236 -13.11 -33.02 -9.84
C GLU B 236 -12.30 -31.91 -10.50
N SER B 237 -11.11 -31.59 -9.99
CA SER B 237 -10.30 -30.53 -10.55
C SER B 237 -8.82 -30.89 -10.33
N ASP B 238 -7.94 -29.92 -10.60
CA ASP B 238 -6.51 -30.18 -10.48
C ASP B 238 -6.11 -30.39 -9.03
N ILE B 239 -5.49 -31.53 -8.77
CA ILE B 239 -5.01 -31.84 -7.41
C ILE B 239 -3.70 -31.10 -7.19
N ASN B 240 -3.71 -30.17 -6.22
CA ASN B 240 -2.55 -29.31 -5.97
C ASN B 240 -1.66 -29.80 -4.84
N ALA B 241 -2.15 -30.68 -3.97
CA ALA B 241 -1.38 -31.13 -2.83
C ALA B 241 -1.66 -32.61 -2.56
N ILE B 242 -0.74 -33.25 -1.86
CA ILE B 242 -0.86 -34.65 -1.48
C ILE B 242 0.06 -34.90 -0.31
N CYS B 243 -0.27 -35.91 0.49
CA CYS B 243 0.52 -36.26 1.67
C CYS B 243 0.12 -37.65 2.13
N PHE B 244 1.11 -38.43 2.58
CA PHE B 244 0.87 -39.78 3.03
C PHE B 244 0.41 -39.81 4.48
N PHE B 245 -0.40 -40.81 4.82
CA PHE B 245 -0.79 -41.03 6.20
C PHE B 245 0.39 -41.60 6.99
N PRO B 246 0.49 -41.26 8.27
CA PRO B 246 1.60 -41.77 9.10
C PRO B 246 1.69 -43.30 9.13
N ASN B 247 0.60 -43.99 8.79
CA ASN B 247 0.62 -45.44 8.78
C ASN B 247 1.09 -46.02 7.44
N GLY B 248 1.06 -45.23 6.37
CA GLY B 248 1.52 -45.67 5.08
C GLY B 248 0.49 -46.38 4.22
N ASN B 249 -0.76 -46.46 4.68
CA ASN B 249 -1.82 -47.15 3.94
C ASN B 249 -2.95 -46.21 3.55
N ALA B 250 -2.69 -44.91 3.50
CA ALA B 250 -3.70 -43.92 3.13
C ALA B 250 -2.98 -42.63 2.77
N PHE B 251 -3.72 -41.72 2.13
CA PHE B 251 -3.17 -40.43 1.77
C PHE B 251 -4.31 -39.46 1.48
N ALA B 252 -4.07 -38.18 1.76
CA ALA B 252 -5.03 -37.12 1.53
C ALA B 252 -4.70 -36.37 0.25
N THR B 253 -5.71 -35.72 -0.32
CA THR B 253 -5.57 -35.03 -1.59
C THR B 253 -6.35 -33.72 -1.53
N GLY B 254 -5.65 -32.61 -1.76
CA GLY B 254 -6.29 -31.32 -1.93
C GLY B 254 -6.32 -30.92 -3.39
N SER B 255 -7.43 -30.34 -3.81
CA SER B 255 -7.65 -30.00 -5.21
C SER B 255 -8.12 -28.56 -5.32
N ASP B 256 -8.26 -28.10 -6.56
CA ASP B 256 -8.63 -26.72 -6.87
C ASP B 256 -10.14 -26.49 -6.83
N ASP B 257 -10.94 -27.47 -6.40
CA ASP B 257 -12.38 -27.33 -6.33
C ASP B 257 -12.88 -27.16 -4.90
N ALA B 258 -12.01 -26.70 -3.99
CA ALA B 258 -12.40 -26.37 -2.62
C ALA B 258 -12.94 -27.59 -1.87
N THR B 259 -12.21 -28.70 -1.96
CA THR B 259 -12.57 -29.89 -1.21
C THR B 259 -11.33 -30.77 -1.05
N CYS B 260 -11.30 -31.52 0.04
CA CYS B 260 -10.23 -32.48 0.32
C CYS B 260 -10.84 -33.86 0.53
N ARG B 261 -10.17 -34.88 0.02
CA ARG B 261 -10.67 -36.25 0.10
C ARG B 261 -9.56 -37.17 0.55
N LEU B 262 -9.86 -38.00 1.56
CA LEU B 262 -8.91 -38.97 2.08
C LEU B 262 -9.12 -40.29 1.35
N PHE B 263 -8.13 -40.70 0.56
CA PHE B 263 -8.20 -41.95 -0.17
C PHE B 263 -7.58 -43.08 0.66
N ASP B 264 -7.50 -44.26 0.05
CA ASP B 264 -6.94 -45.42 0.72
C ASP B 264 -6.35 -46.36 -0.33
N LEU B 265 -5.37 -47.14 0.09
CA LEU B 265 -4.70 -48.07 -0.81
C LEU B 265 -5.36 -49.44 -0.85
N ARG B 266 -5.75 -49.97 0.31
CA ARG B 266 -6.40 -51.27 0.38
C ARG B 266 -7.87 -51.23 -0.02
N ALA B 267 -8.46 -50.03 -0.13
CA ALA B 267 -9.85 -49.90 -0.51
C ALA B 267 -10.04 -49.42 -1.94
N ASP B 268 -9.01 -48.87 -2.56
CA ASP B 268 -9.00 -48.41 -3.95
C ASP B 268 -10.01 -47.29 -4.21
N GLN B 269 -10.55 -46.67 -3.17
CA GLN B 269 -11.52 -45.60 -3.34
C GLN B 269 -11.42 -44.64 -2.16
N GLU B 270 -12.02 -43.47 -2.32
CA GLU B 270 -12.00 -42.46 -1.28
C GLU B 270 -12.88 -42.86 -0.11
N LEU B 271 -12.42 -42.58 1.10
CA LEU B 271 -13.18 -42.88 2.31
C LEU B 271 -14.06 -41.69 2.72
N MET B 272 -13.44 -40.55 2.98
CA MET B 272 -14.15 -39.34 3.38
C MET B 272 -13.88 -38.21 2.40
N THR B 273 -14.72 -37.18 2.45
CA THR B 273 -14.59 -36.01 1.59
C THR B 273 -14.90 -34.77 2.42
N TYR B 274 -13.84 -34.06 2.83
CA TYR B 274 -13.99 -32.87 3.66
C TYR B 274 -14.33 -31.68 2.78
N SER B 275 -15.49 -31.08 3.02
CA SER B 275 -15.94 -29.94 2.23
C SER B 275 -16.91 -29.11 3.06
N HIS B 276 -16.86 -27.80 2.86
CA HIS B 276 -17.75 -26.86 3.53
C HIS B 276 -18.51 -26.06 2.50
N ASP B 277 -19.69 -25.58 2.88
CA ASP B 277 -20.54 -24.84 1.95
C ASP B 277 -19.98 -23.45 1.68
N ASN B 278 -19.18 -22.90 2.60
CA ASN B 278 -18.70 -21.53 2.44
C ASN B 278 -17.42 -21.46 1.63
N ILE B 279 -16.53 -22.45 1.79
CA ILE B 279 -15.23 -22.41 1.12
C ILE B 279 -15.41 -22.59 -0.38
N ILE B 280 -14.79 -21.71 -1.16
CA ILE B 280 -14.79 -21.79 -2.61
C ILE B 280 -13.39 -21.75 -3.20
N CYS B 281 -12.36 -21.63 -2.37
CA CYS B 281 -10.98 -21.53 -2.84
C CYS B 281 -10.31 -22.90 -2.81
N GLY B 282 -9.42 -23.13 -3.77
CA GLY B 282 -8.73 -24.40 -3.85
C GLY B 282 -7.69 -24.58 -2.76
N ILE B 283 -7.41 -25.84 -2.46
CA ILE B 283 -6.42 -26.19 -1.46
C ILE B 283 -5.04 -26.20 -2.08
N THR B 284 -4.05 -25.65 -1.36
CA THR B 284 -2.69 -25.57 -1.86
C THR B 284 -1.71 -26.50 -1.16
N SER B 285 -1.95 -26.84 0.10
CA SER B 285 -1.02 -27.69 0.84
C SER B 285 -1.77 -28.43 1.93
N VAL B 286 -1.45 -29.71 2.10
CA VAL B 286 -2.03 -30.55 3.14
C VAL B 286 -0.94 -31.36 3.80
N SER B 287 -1.20 -31.77 5.04
CA SER B 287 -0.28 -32.62 5.79
C SER B 287 -1.04 -33.16 7.00
N PHE B 288 -0.50 -34.23 7.58
CA PHE B 288 -1.11 -34.90 8.72
C PHE B 288 -0.29 -34.63 9.99
N SER B 289 -0.91 -34.93 11.12
CA SER B 289 -0.26 -34.79 12.42
C SER B 289 0.58 -36.04 12.71
N LYS B 290 1.07 -36.15 13.94
CA LYS B 290 1.86 -37.31 14.31
C LYS B 290 1.02 -38.58 14.36
N SER B 291 -0.22 -38.47 14.82
CA SER B 291 -1.13 -39.61 14.94
C SER B 291 -2.11 -39.70 13.78
N GLY B 292 -1.97 -38.84 12.77
CA GLY B 292 -2.89 -38.85 11.65
C GLY B 292 -4.31 -38.45 12.02
N ARG B 293 -4.48 -37.68 13.08
CA ARG B 293 -5.80 -37.24 13.53
C ARG B 293 -6.19 -35.88 12.97
N LEU B 294 -5.23 -35.00 12.70
CA LEU B 294 -5.51 -33.69 12.15
C LEU B 294 -4.99 -33.61 10.73
N LEU B 295 -5.72 -32.91 9.88
CA LEU B 295 -5.38 -32.73 8.47
C LEU B 295 -5.41 -31.22 8.18
N LEU B 296 -4.26 -30.57 8.39
CA LEU B 296 -4.15 -29.13 8.22
C LEU B 296 -4.04 -28.82 6.73
N ALA B 297 -5.14 -28.38 6.14
CA ALA B 297 -5.20 -28.03 4.73
C ALA B 297 -4.96 -26.54 4.56
N GLY B 298 -4.06 -26.19 3.64
CA GLY B 298 -3.78 -24.79 3.37
C GLY B 298 -4.62 -24.23 2.24
N TYR B 299 -5.69 -23.53 2.58
CA TYR B 299 -6.60 -22.98 1.58
C TYR B 299 -6.04 -21.69 1.00
N ASP B 300 -6.70 -21.21 -0.05
CA ASP B 300 -6.29 -19.98 -0.72
C ASP B 300 -6.91 -18.74 -0.09
N ASP B 301 -7.72 -18.89 0.96
CA ASP B 301 -8.34 -17.76 1.65
C ASP B 301 -7.50 -17.29 2.84
N PHE B 302 -6.17 -17.44 2.75
CA PHE B 302 -5.21 -16.99 3.76
C PHE B 302 -5.38 -17.69 5.10
N ASN B 303 -6.14 -18.79 5.15
CA ASN B 303 -6.43 -19.47 6.39
C ASN B 303 -6.04 -20.95 6.29
N CYS B 304 -5.51 -21.50 7.37
CA CYS B 304 -5.16 -22.91 7.47
C CYS B 304 -6.26 -23.61 8.25
N ASN B 305 -7.26 -24.11 7.53
CA ASN B 305 -8.38 -24.80 8.16
C ASN B 305 -7.95 -26.19 8.60
N VAL B 306 -7.95 -26.42 9.92
CA VAL B 306 -7.52 -27.70 10.49
C VAL B 306 -8.71 -28.64 10.46
N TRP B 307 -8.70 -29.60 9.55
CA TRP B 307 -9.79 -30.56 9.42
C TRP B 307 -9.58 -31.70 10.42
N ASP B 308 -10.39 -32.76 10.29
CA ASP B 308 -10.28 -33.94 11.13
C ASP B 308 -10.46 -35.16 10.25
N ALA B 309 -9.48 -36.06 10.28
CA ALA B 309 -9.51 -37.22 9.38
C ALA B 309 -10.65 -38.17 9.72
N LEU B 310 -11.10 -38.19 10.98
CA LEU B 310 -12.13 -39.12 11.40
C LEU B 310 -13.54 -38.52 11.31
N LYS B 311 -13.77 -37.42 12.01
CA LYS B 311 -15.10 -36.81 12.07
C LYS B 311 -15.42 -35.93 10.88
N ALA B 312 -14.42 -35.58 10.07
CA ALA B 312 -14.59 -34.71 8.90
C ALA B 312 -15.15 -33.35 9.26
N ASP B 313 -14.96 -32.91 10.49
CA ASP B 313 -15.45 -31.63 10.96
C ASP B 313 -14.28 -30.67 11.16
N ARG B 314 -14.47 -29.42 10.75
CA ARG B 314 -13.44 -28.40 10.87
C ARG B 314 -13.31 -28.02 12.35
N ALA B 315 -12.25 -28.50 12.99
CA ALA B 315 -12.05 -28.30 14.42
C ALA B 315 -11.07 -27.18 14.74
N GLY B 316 -10.65 -26.41 13.74
CA GLY B 316 -9.74 -25.31 13.99
C GLY B 316 -9.40 -24.60 12.70
N VAL B 317 -9.11 -23.31 12.85
CA VAL B 317 -8.74 -22.45 11.73
C VAL B 317 -7.55 -21.60 12.15
N LEU B 318 -6.52 -21.57 11.30
CA LEU B 318 -5.35 -20.73 11.52
C LEU B 318 -5.36 -19.61 10.47
N ALA B 319 -5.63 -18.39 10.93
CA ALA B 319 -5.82 -17.26 10.03
C ALA B 319 -4.71 -16.23 10.11
N GLY B 320 -3.57 -16.55 10.72
CA GLY B 320 -2.48 -15.61 10.83
C GLY B 320 -1.61 -15.56 9.59
N HIS B 321 -2.18 -15.09 8.48
CA HIS B 321 -1.45 -14.99 7.22
C HIS B 321 -2.09 -13.90 6.37
N ASP B 322 -1.25 -13.09 5.72
CA ASP B 322 -1.75 -12.01 4.88
C ASP B 322 -2.14 -12.52 3.50
N ASN B 323 -1.30 -13.32 2.88
CA ASN B 323 -1.55 -13.85 1.54
C ASN B 323 -1.82 -15.35 1.61
N ARG B 324 -2.01 -15.96 0.45
CA ARG B 324 -2.37 -17.37 0.38
C ARG B 324 -1.27 -18.25 0.98
N VAL B 325 -1.69 -19.37 1.55
CA VAL B 325 -0.78 -20.34 2.14
C VAL B 325 -0.31 -21.28 1.03
N SER B 326 0.93 -21.09 0.56
CA SER B 326 1.46 -21.85 -0.56
C SER B 326 2.11 -23.16 -0.14
N CYS B 327 2.37 -23.36 1.15
CA CYS B 327 3.05 -24.56 1.60
C CYS B 327 2.73 -24.78 3.09
N LEU B 328 2.91 -26.02 3.53
CA LEU B 328 2.56 -26.40 4.89
C LEU B 328 3.34 -27.65 5.27
N GLY B 329 4.05 -27.59 6.38
CA GLY B 329 4.81 -28.74 6.84
C GLY B 329 4.78 -28.94 8.34
N VAL B 330 4.35 -30.12 8.78
CA VAL B 330 4.36 -30.47 10.19
C VAL B 330 5.67 -31.16 10.52
N THR B 331 6.10 -31.04 11.77
CA THR B 331 7.36 -31.61 12.20
C THR B 331 7.28 -33.13 12.23
N ASP B 332 8.45 -33.77 12.21
CA ASP B 332 8.52 -35.23 12.24
C ASP B 332 8.04 -35.80 13.56
N ASP B 333 8.06 -35.02 14.64
CA ASP B 333 7.57 -35.47 15.93
C ASP B 333 6.23 -34.87 16.32
N GLY B 334 5.75 -33.86 15.58
CA GLY B 334 4.47 -33.26 15.87
C GLY B 334 4.50 -32.08 16.81
N MET B 335 5.66 -31.46 17.01
CA MET B 335 5.76 -30.35 17.94
C MET B 335 5.37 -29.01 17.30
N ALA B 336 5.64 -28.84 16.02
CA ALA B 336 5.38 -27.58 15.35
C ALA B 336 4.76 -27.82 13.99
N VAL B 337 4.02 -26.83 13.50
CA VAL B 337 3.40 -26.86 12.17
C VAL B 337 3.79 -25.56 11.49
N ALA B 338 4.82 -25.61 10.63
CA ALA B 338 5.30 -24.44 9.94
C ALA B 338 4.53 -24.27 8.63
N THR B 339 3.87 -23.13 8.48
CA THR B 339 3.12 -22.81 7.28
C THR B 339 3.73 -21.58 6.61
N GLY B 340 3.99 -21.71 5.31
CA GLY B 340 4.48 -20.59 4.51
C GLY B 340 3.35 -19.90 3.77
N SER B 341 3.69 -18.76 3.18
CA SER B 341 2.69 -17.95 2.50
C SER B 341 3.40 -17.01 1.52
N TRP B 342 2.60 -16.33 0.70
CA TRP B 342 3.11 -15.46 -0.34
C TRP B 342 3.54 -14.08 0.16
N ASP B 343 3.40 -13.80 1.45
CA ASP B 343 3.85 -12.54 2.03
C ASP B 343 5.20 -12.66 2.73
N SER B 344 5.95 -13.72 2.43
CA SER B 344 7.31 -13.97 2.93
C SER B 344 7.36 -14.21 4.43
N PHE B 345 6.22 -14.37 5.09
CA PHE B 345 6.17 -14.61 6.53
C PHE B 345 5.90 -16.09 6.77
N LEU B 346 6.90 -16.81 7.26
CA LEU B 346 6.78 -18.22 7.61
C LEU B 346 6.64 -18.32 9.12
N LYS B 347 5.41 -18.54 9.58
CA LYS B 347 5.10 -18.57 11.01
C LYS B 347 5.09 -20.02 11.50
N ILE B 348 5.80 -20.26 12.60
CA ILE B 348 5.87 -21.58 13.21
C ILE B 348 4.73 -21.70 14.21
N TRP B 349 3.72 -22.50 13.86
CA TRP B 349 2.56 -22.68 14.73
C TRP B 349 2.80 -23.80 15.74
N SER C 8 -2.26 -41.51 -30.00
CA SER C 8 -2.96 -42.10 -31.14
C SER C 8 -3.52 -43.47 -30.76
N ILE C 9 -3.59 -44.37 -31.75
CA ILE C 9 -4.10 -45.72 -31.49
C ILE C 9 -3.12 -46.52 -30.65
N ALA C 10 -1.81 -46.27 -30.82
CA ALA C 10 -0.81 -46.97 -30.03
C ALA C 10 -0.83 -46.53 -28.57
N GLN C 11 -1.30 -45.31 -28.28
CA GLN C 11 -1.41 -44.85 -26.91
C GLN C 11 -2.72 -45.26 -26.26
N ALA C 12 -3.78 -45.47 -27.04
CA ALA C 12 -5.03 -45.97 -26.49
C ALA C 12 -4.87 -47.39 -25.97
N ARG C 13 -3.98 -48.18 -26.56
CA ARG C 13 -3.70 -49.51 -26.05
C ARG C 13 -3.01 -49.44 -24.69
N LYS C 14 -2.16 -48.43 -24.49
CA LYS C 14 -1.47 -48.29 -23.21
C LYS C 14 -2.43 -48.04 -22.07
N LEU C 15 -3.59 -47.45 -22.36
CA LEU C 15 -4.61 -47.25 -21.32
C LEU C 15 -5.28 -48.57 -20.96
N VAL C 16 -5.42 -49.48 -21.91
CA VAL C 16 -6.07 -50.76 -21.64
C VAL C 16 -5.07 -51.74 -21.03
N GLU C 17 -3.84 -51.79 -21.56
CA GLU C 17 -2.84 -52.71 -21.02
C GLU C 17 -2.42 -52.34 -19.61
N GLN C 18 -2.64 -51.09 -19.19
CA GLN C 18 -2.33 -50.67 -17.83
C GLN C 18 -3.52 -50.84 -16.89
N LEU C 19 -4.73 -50.57 -17.37
CA LEU C 19 -5.92 -50.75 -16.55
C LEU C 19 -6.20 -52.23 -16.30
N LYS C 20 -5.70 -53.11 -17.15
CA LYS C 20 -5.93 -54.54 -16.97
C LYS C 20 -5.27 -55.05 -15.69
N MET C 21 -3.99 -54.72 -15.47
CA MET C 21 -3.31 -55.18 -14.27
C MET C 21 -3.84 -54.52 -13.02
N GLU C 22 -4.44 -53.33 -13.15
CA GLU C 22 -4.99 -52.61 -12.02
C GLU C 22 -6.39 -53.09 -11.64
N ALA C 23 -6.86 -54.18 -12.25
CA ALA C 23 -8.14 -54.77 -11.88
C ALA C 23 -7.99 -55.96 -10.94
N ASN C 24 -6.89 -56.70 -11.04
CA ASN C 24 -6.63 -57.84 -10.17
C ASN C 24 -5.96 -57.45 -8.86
N ILE C 25 -5.82 -56.14 -8.58
CA ILE C 25 -5.19 -55.72 -7.33
C ILE C 25 -6.07 -56.10 -6.16
N ASP C 26 -5.44 -56.40 -5.04
CA ASP C 26 -6.17 -56.84 -3.85
C ASP C 26 -6.93 -55.65 -3.25
N ARG C 27 -8.22 -55.85 -3.01
CA ARG C 27 -9.07 -54.85 -2.40
C ARG C 27 -9.86 -55.47 -1.26
N ILE C 28 -10.13 -54.65 -0.23
CA ILE C 28 -10.90 -55.07 0.93
C ILE C 28 -11.99 -54.03 1.19
N LYS C 29 -12.93 -54.40 2.05
CA LYS C 29 -14.04 -53.52 2.38
C LYS C 29 -13.55 -52.32 3.20
N VAL C 30 -14.34 -51.24 3.15
CA VAL C 30 -13.99 -50.05 3.93
C VAL C 30 -14.04 -50.35 5.42
N SER C 31 -14.98 -51.20 5.85
CA SER C 31 -15.05 -51.59 7.24
C SER C 31 -13.81 -52.33 7.71
N LYS C 32 -12.98 -52.82 6.79
CA LYS C 32 -11.71 -53.44 7.14
C LYS C 32 -10.50 -52.58 6.78
N ALA C 33 -10.61 -51.72 5.77
CA ALA C 33 -9.52 -50.84 5.38
C ALA C 33 -9.48 -49.55 6.17
N ALA C 34 -10.65 -48.99 6.51
CA ALA C 34 -10.72 -47.77 7.30
C ALA C 34 -10.69 -48.05 8.80
N ALA C 35 -10.85 -49.30 9.22
CA ALA C 35 -10.77 -49.64 10.63
C ALA C 35 -9.36 -49.51 11.19
N ASP C 36 -8.34 -49.47 10.32
CA ASP C 36 -6.97 -49.29 10.79
C ASP C 36 -6.71 -47.84 11.17
N LEU C 37 -7.35 -46.90 10.47
CA LEU C 37 -7.20 -45.49 10.82
C LEU C 37 -7.77 -45.21 12.22
N MET C 38 -8.94 -45.76 12.52
CA MET C 38 -9.51 -45.63 13.85
C MET C 38 -8.64 -46.30 14.90
N ALA C 39 -7.87 -47.32 14.53
CA ALA C 39 -6.95 -47.97 15.46
C ALA C 39 -5.59 -47.28 15.53
N TYR C 40 -5.13 -46.71 14.41
CA TYR C 40 -3.85 -46.02 14.41
C TYR C 40 -3.95 -44.69 15.14
N CYS C 41 -5.05 -43.96 14.94
CA CYS C 41 -5.24 -42.69 15.63
C CYS C 41 -5.33 -42.89 17.14
N GLU C 42 -6.06 -43.91 17.57
CA GLU C 42 -6.22 -44.18 18.99
C GLU C 42 -4.91 -44.67 19.62
N ALA C 43 -4.07 -45.37 18.84
CA ALA C 43 -2.84 -45.89 19.39
C ALA C 43 -1.82 -44.79 19.63
N HIS C 44 -1.68 -43.85 18.69
CA HIS C 44 -0.71 -42.78 18.77
C HIS C 44 -1.31 -41.47 19.29
N ALA C 45 -2.48 -41.54 19.92
CA ALA C 45 -3.12 -40.32 20.43
C ALA C 45 -2.36 -39.75 21.62
N LYS C 46 -1.64 -40.60 22.37
CA LYS C 46 -0.91 -40.11 23.53
C LYS C 46 0.30 -39.28 23.14
N GLU C 47 0.91 -39.58 21.99
CA GLU C 47 2.11 -38.89 21.54
C GLU C 47 1.80 -37.89 20.42
N ASP C 48 0.65 -37.23 20.52
CA ASP C 48 0.24 -36.24 19.53
C ASP C 48 0.18 -34.86 20.19
N PRO C 49 1.23 -34.04 20.09
CA PRO C 49 1.20 -32.73 20.74
C PRO C 49 0.18 -31.77 20.15
N LEU C 50 -0.26 -32.00 18.91
CA LEU C 50 -1.22 -31.11 18.29
C LEU C 50 -2.62 -31.29 18.88
N LEU C 51 -2.94 -32.49 19.36
CA LEU C 51 -4.26 -32.72 19.94
C LEU C 51 -4.40 -32.06 21.31
N THR C 52 -3.49 -32.38 22.22
CA THR C 52 -3.52 -31.82 23.56
C THR C 52 -2.31 -30.90 23.76
N PRO C 53 -2.49 -29.69 24.29
CA PRO C 53 -1.34 -28.80 24.48
C PRO C 53 -0.43 -29.31 25.59
N VAL C 54 0.88 -29.14 25.36
CA VAL C 54 1.89 -29.59 26.31
C VAL C 54 2.34 -28.39 27.15
N PRO C 55 2.83 -28.60 28.37
CA PRO C 55 3.29 -27.47 29.18
C PRO C 55 4.47 -26.76 28.55
N ALA C 56 4.84 -25.63 29.16
CA ALA C 56 5.94 -24.83 28.64
C ALA C 56 7.27 -25.57 28.72
N SER C 57 7.42 -26.47 29.69
CA SER C 57 8.65 -27.22 29.86
C SER C 57 8.74 -28.44 28.95
N GLU C 58 7.72 -28.70 28.13
CA GLU C 58 7.72 -29.84 27.23
C GLU C 58 7.77 -29.46 25.76
N ASN C 59 7.56 -28.20 25.42
CA ASN C 59 7.62 -27.77 24.03
C ASN C 59 8.80 -26.83 23.82
N PRO C 60 9.44 -26.89 22.65
CA PRO C 60 10.57 -25.98 22.38
C PRO C 60 10.18 -24.52 22.29
N PHE C 61 8.89 -24.22 22.12
CA PHE C 61 8.44 -22.84 22.00
C PHE C 61 7.75 -22.37 23.30
N GLN D 1 -14.60 -38.71 -11.21
CA GLN D 1 -14.36 -39.08 -12.59
C GLN D 1 -15.05 -38.13 -13.56
N VAL D 2 -14.29 -37.17 -14.09
CA VAL D 2 -14.82 -36.21 -15.06
C VAL D 2 -14.99 -36.89 -16.39
N GLN D 3 -16.23 -37.22 -16.74
CA GLN D 3 -16.56 -37.90 -18.00
C GLN D 3 -17.51 -37.03 -18.80
N LEU D 4 -17.11 -36.70 -20.03
CA LEU D 4 -17.90 -35.84 -20.92
C LEU D 4 -18.15 -36.61 -22.21
N GLN D 5 -19.38 -37.08 -22.39
CA GLN D 5 -19.77 -37.82 -23.59
C GLN D 5 -20.75 -36.99 -24.40
N GLU D 6 -20.57 -37.00 -25.72
CA GLU D 6 -21.41 -36.27 -26.64
C GLU D 6 -22.27 -37.23 -27.45
N SER D 7 -23.10 -36.67 -28.32
CA SER D 7 -23.98 -37.44 -29.19
C SER D 7 -24.06 -36.73 -30.54
N GLY D 8 -24.97 -37.20 -31.39
CA GLY D 8 -25.16 -36.59 -32.70
C GLY D 8 -24.03 -36.90 -33.66
N GLY D 9 -24.15 -36.32 -34.86
CA GLY D 9 -23.15 -36.51 -35.89
C GLY D 9 -23.77 -36.84 -37.23
N GLY D 10 -23.16 -37.78 -37.95
CA GLY D 10 -23.68 -38.20 -39.24
C GLY D 10 -23.42 -37.19 -40.33
N LEU D 11 -23.89 -37.53 -41.52
CA LEU D 11 -23.73 -36.67 -42.70
C LEU D 11 -24.94 -35.78 -42.86
N VAL D 12 -24.71 -34.48 -43.00
CA VAL D 12 -25.77 -33.50 -43.22
C VAL D 12 -25.36 -32.61 -44.37
N GLN D 13 -26.36 -32.14 -45.13
CA GLN D 13 -26.11 -31.26 -46.25
C GLN D 13 -25.89 -29.82 -45.78
N PRO D 14 -25.17 -29.02 -46.57
CA PRO D 14 -24.99 -27.61 -46.20
C PRO D 14 -26.33 -26.89 -46.12
N GLY D 15 -26.55 -26.22 -44.99
CA GLY D 15 -27.82 -25.58 -44.72
C GLY D 15 -28.79 -26.40 -43.90
N GLY D 16 -28.35 -27.52 -43.34
CA GLY D 16 -29.22 -28.36 -42.53
C GLY D 16 -29.23 -27.95 -41.07
N SER D 17 -29.29 -28.93 -40.17
CA SER D 17 -29.32 -28.65 -38.75
C SER D 17 -28.90 -29.90 -37.99
N LEU D 18 -28.34 -29.68 -36.79
CA LEU D 18 -27.92 -30.76 -35.92
C LEU D 18 -27.98 -30.28 -34.48
N ARG D 19 -28.10 -31.24 -33.55
CA ARG D 19 -28.13 -30.96 -32.12
C ARG D 19 -27.09 -31.83 -31.44
N LEU D 20 -26.04 -31.21 -30.93
CA LEU D 20 -24.95 -31.93 -30.26
C LEU D 20 -25.24 -31.91 -28.76
N SER D 21 -25.77 -33.03 -28.26
CA SER D 21 -26.08 -33.18 -26.84
C SER D 21 -24.85 -33.71 -26.12
N CYS D 22 -24.27 -32.90 -25.24
CA CYS D 22 -23.06 -33.26 -24.50
C CYS D 22 -23.45 -33.63 -23.07
N ALA D 23 -23.28 -34.90 -22.73
CA ALA D 23 -23.58 -35.35 -21.38
C ALA D 23 -22.41 -35.08 -20.45
N ALA D 24 -22.71 -34.97 -19.16
CA ALA D 24 -21.69 -34.69 -18.15
C ALA D 24 -22.07 -35.41 -16.87
N SER D 25 -21.29 -36.43 -16.51
CA SER D 25 -21.51 -37.21 -15.30
C SER D 25 -20.22 -37.33 -14.53
N GLY D 26 -20.28 -37.04 -13.23
CA GLY D 26 -19.11 -37.11 -12.37
C GLY D 26 -18.74 -35.81 -11.67
N PHE D 27 -19.47 -34.71 -11.90
CA PHE D 27 -19.15 -33.44 -11.27
C PHE D 27 -20.40 -32.57 -11.28
N THR D 28 -20.38 -31.56 -10.41
CA THR D 28 -21.46 -30.58 -10.36
C THR D 28 -21.47 -29.75 -11.64
N PHE D 29 -22.52 -29.91 -12.44
CA PHE D 29 -22.56 -29.25 -13.74
C PHE D 29 -22.75 -27.75 -13.61
N SER D 30 -23.30 -27.27 -12.50
CA SER D 30 -23.61 -25.85 -12.35
C SER D 30 -22.38 -25.05 -11.95
N ASN D 31 -21.52 -25.62 -11.10
CA ASN D 31 -20.37 -24.88 -10.56
C ASN D 31 -19.27 -24.65 -11.58
N TYR D 32 -19.33 -25.28 -12.75
CA TYR D 32 -18.28 -25.19 -13.74
C TYR D 32 -18.81 -24.61 -15.04
N LYS D 33 -17.95 -23.90 -15.75
CA LYS D 33 -18.30 -23.39 -17.07
C LYS D 33 -18.19 -24.50 -18.12
N MET D 34 -18.74 -24.23 -19.29
CA MET D 34 -18.72 -25.19 -20.39
C MET D 34 -18.19 -24.50 -21.65
N ASN D 35 -17.57 -25.31 -22.52
CA ASN D 35 -16.98 -24.81 -23.74
C ASN D 35 -17.23 -25.80 -24.87
N TRP D 36 -17.08 -25.31 -26.10
CA TRP D 36 -17.19 -26.14 -27.30
C TRP D 36 -15.95 -25.89 -28.15
N VAL D 37 -15.17 -26.95 -28.40
CA VAL D 37 -13.95 -26.86 -29.20
C VAL D 37 -14.05 -27.88 -30.33
N ARG D 38 -13.70 -27.45 -31.54
CA ARG D 38 -13.69 -28.31 -32.71
C ARG D 38 -12.28 -28.46 -33.24
N GLN D 39 -12.02 -29.59 -33.90
CA GLN D 39 -10.71 -29.91 -34.46
C GLN D 39 -10.87 -30.16 -35.96
N ALA D 40 -10.47 -29.19 -36.77
CA ALA D 40 -10.51 -29.35 -38.21
C ALA D 40 -9.52 -30.44 -38.64
N PRO D 41 -9.80 -31.11 -39.77
CA PRO D 41 -8.88 -32.16 -40.24
C PRO D 41 -7.50 -31.62 -40.56
N GLY D 42 -6.49 -32.05 -39.80
CA GLY D 42 -5.15 -31.56 -40.00
C GLY D 42 -4.89 -30.17 -39.48
N LYS D 43 -5.67 -29.72 -38.50
CA LYS D 43 -5.52 -28.39 -37.92
C LYS D 43 -5.60 -28.50 -36.41
N GLY D 44 -5.30 -27.37 -35.73
CA GLY D 44 -5.31 -27.35 -34.30
C GLY D 44 -6.69 -27.14 -33.71
N LEU D 45 -6.78 -27.39 -32.40
CA LEU D 45 -8.04 -27.22 -31.68
C LEU D 45 -8.37 -25.74 -31.54
N GLU D 46 -9.53 -25.34 -32.05
CA GLU D 46 -10.00 -23.96 -31.97
C GLU D 46 -11.23 -23.89 -31.09
N TRP D 47 -11.41 -22.74 -30.44
CA TRP D 47 -12.55 -22.50 -29.56
C TRP D 47 -13.74 -22.02 -30.39
N VAL D 48 -14.91 -22.57 -30.10
CA VAL D 48 -16.12 -22.24 -30.86
C VAL D 48 -17.01 -21.33 -30.03
N SER D 49 -17.48 -21.82 -28.89
CA SER D 49 -18.42 -21.07 -28.07
C SER D 49 -18.38 -21.59 -26.65
N ASP D 50 -18.61 -20.69 -25.69
CA ASP D 50 -18.71 -21.04 -24.29
C ASP D 50 -19.99 -20.45 -23.70
N ILE D 51 -20.41 -21.02 -22.57
CA ILE D 51 -21.58 -20.56 -21.84
C ILE D 51 -21.19 -20.34 -20.39
N SER D 52 -21.85 -19.39 -19.73
CA SER D 52 -21.53 -19.08 -18.35
C SER D 52 -22.03 -20.19 -17.42
N GLN D 53 -21.88 -19.96 -16.11
CA GLN D 53 -22.29 -20.95 -15.13
C GLN D 53 -23.77 -21.29 -15.26
N SER D 54 -24.64 -20.27 -15.23
CA SER D 54 -26.08 -20.47 -15.40
C SER D 54 -26.60 -19.44 -16.38
N GLY D 55 -26.53 -19.76 -17.67
CA GLY D 55 -27.15 -18.98 -18.73
C GLY D 55 -26.90 -17.48 -18.73
N ALA D 56 -25.84 -17.03 -18.04
CA ALA D 56 -25.59 -15.60 -17.91
C ALA D 56 -25.05 -15.02 -19.23
N SER D 57 -23.90 -15.50 -19.66
CA SER D 57 -23.25 -15.01 -20.87
C SER D 57 -23.14 -16.13 -21.89
N ILE D 58 -23.47 -15.82 -23.14
CA ILE D 58 -23.43 -16.79 -24.23
C ILE D 58 -22.55 -16.18 -25.32
N SER D 59 -21.27 -16.51 -25.31
CA SER D 59 -20.32 -15.98 -26.28
C SER D 59 -20.07 -16.99 -27.40
N TYR D 60 -19.79 -16.47 -28.59
CA TYR D 60 -19.50 -17.29 -29.75
C TYR D 60 -18.20 -16.81 -30.40
N THR D 61 -17.72 -17.58 -31.37
CA THR D 61 -16.59 -17.17 -32.19
C THR D 61 -17.11 -16.35 -33.38
N GLY D 62 -16.24 -16.09 -34.35
CA GLY D 62 -16.65 -15.26 -35.48
C GLY D 62 -17.55 -16.00 -36.45
N SER D 63 -17.23 -17.26 -36.75
CA SER D 63 -17.96 -17.99 -37.79
C SER D 63 -19.32 -18.48 -37.31
N VAL D 64 -19.45 -18.83 -36.02
CA VAL D 64 -20.68 -19.43 -35.53
C VAL D 64 -21.62 -18.40 -34.89
N LYS D 65 -21.23 -17.13 -34.85
CA LYS D 65 -22.07 -16.09 -34.26
C LYS D 65 -23.29 -15.87 -35.15
N GLY D 66 -24.47 -16.18 -34.65
CA GLY D 66 -25.70 -16.08 -35.39
C GLY D 66 -26.13 -17.35 -36.08
N ARG D 67 -25.18 -18.22 -36.43
CA ARG D 67 -25.49 -19.49 -37.08
C ARG D 67 -25.75 -20.60 -36.07
N PHE D 68 -24.94 -20.70 -35.03
CA PHE D 68 -25.08 -21.73 -34.02
C PHE D 68 -25.62 -21.12 -32.74
N THR D 69 -26.10 -21.99 -31.84
CA THR D 69 -26.65 -21.55 -30.56
C THR D 69 -26.34 -22.60 -29.52
N ILE D 70 -25.65 -22.21 -28.46
CA ILE D 70 -25.25 -23.10 -27.38
C ILE D 70 -26.14 -22.83 -26.17
N SER D 71 -26.66 -23.90 -25.57
CA SER D 71 -27.49 -23.79 -24.37
C SER D 71 -27.24 -25.00 -23.49
N ARG D 72 -27.43 -24.81 -22.19
CA ARG D 72 -27.21 -25.86 -21.20
C ARG D 72 -28.47 -26.06 -20.37
N ASP D 73 -28.68 -27.30 -19.93
CA ASP D 73 -29.78 -27.67 -19.05
C ASP D 73 -29.17 -28.17 -17.74
N ASN D 74 -29.13 -27.28 -16.74
CA ASN D 74 -28.55 -27.63 -15.46
C ASN D 74 -29.32 -28.75 -14.76
N ALA D 75 -30.61 -28.90 -15.06
CA ALA D 75 -31.39 -29.98 -14.48
C ALA D 75 -31.10 -31.33 -15.12
N LYS D 76 -30.51 -31.34 -16.31
CA LYS D 76 -30.17 -32.57 -17.01
C LYS D 76 -28.68 -32.72 -17.28
N ASN D 77 -27.88 -31.69 -16.97
CA ASN D 77 -26.43 -31.70 -17.19
C ASN D 77 -26.06 -31.97 -18.64
N THR D 78 -26.93 -31.61 -19.58
CA THR D 78 -26.72 -31.86 -21.00
C THR D 78 -26.45 -30.53 -21.69
N LEU D 79 -25.26 -30.39 -22.28
CA LEU D 79 -24.90 -29.21 -23.03
C LEU D 79 -25.28 -29.39 -24.50
N TYR D 80 -25.93 -28.38 -25.06
CA TYR D 80 -26.41 -28.44 -26.44
C TYR D 80 -25.71 -27.39 -27.30
N LEU D 81 -25.66 -27.66 -28.60
CA LEU D 81 -25.14 -26.72 -29.60
C LEU D 81 -26.07 -26.80 -30.81
N GLN D 82 -27.10 -25.96 -30.81
CA GLN D 82 -28.10 -25.95 -31.88
C GLN D 82 -27.48 -25.35 -33.14
N MET D 83 -27.07 -26.22 -34.06
CA MET D 83 -26.45 -25.78 -35.29
C MET D 83 -27.49 -25.63 -36.40
N ASN D 84 -27.34 -24.57 -37.19
CA ASN D 84 -28.26 -24.28 -38.28
C ASN D 84 -27.51 -23.57 -39.40
N SER D 85 -27.88 -23.90 -40.64
CA SER D 85 -27.27 -23.31 -41.83
C SER D 85 -25.76 -23.55 -41.84
N LEU D 86 -25.39 -24.84 -41.89
CA LEU D 86 -24.00 -25.22 -41.85
C LEU D 86 -23.31 -24.89 -43.18
N LYS D 87 -21.99 -24.89 -43.14
CA LYS D 87 -21.14 -24.60 -44.29
C LYS D 87 -20.19 -25.77 -44.49
N PRO D 88 -19.79 -26.04 -45.74
CA PRO D 88 -18.89 -27.20 -45.99
C PRO D 88 -17.52 -27.08 -45.36
N GLU D 89 -17.22 -26.01 -44.60
CA GLU D 89 -15.98 -25.91 -43.85
C GLU D 89 -16.15 -26.28 -42.39
N ASP D 90 -17.36 -26.63 -41.96
CA ASP D 90 -17.64 -27.04 -40.60
C ASP D 90 -17.37 -28.53 -40.36
N THR D 91 -16.83 -29.24 -41.35
CA THR D 91 -16.55 -30.66 -41.21
C THR D 91 -15.38 -30.84 -40.26
N ALA D 92 -15.68 -31.20 -39.01
CA ALA D 92 -14.65 -31.34 -37.99
C ALA D 92 -15.25 -32.07 -36.79
N VAL D 93 -14.37 -32.69 -36.01
CA VAL D 93 -14.79 -33.28 -34.74
C VAL D 93 -15.23 -32.18 -33.78
N TYR D 94 -16.13 -32.53 -32.87
CA TYR D 94 -16.70 -31.56 -31.91
C TYR D 94 -16.52 -32.11 -30.50
N TYR D 95 -15.47 -31.66 -29.83
CA TYR D 95 -15.25 -32.02 -28.43
C TYR D 95 -16.06 -31.11 -27.52
N CYS D 96 -16.42 -31.64 -26.36
CA CYS D 96 -17.15 -30.91 -25.32
C CYS D 96 -16.19 -30.68 -24.16
N ALA D 97 -15.52 -29.53 -24.19
CA ALA D 97 -14.50 -29.24 -23.19
C ALA D 97 -15.11 -28.61 -21.95
N ARG D 98 -14.58 -28.86 -20.75
CA ARG D 98 -15.05 -28.24 -19.47
C ARG D 98 -13.95 -27.35 -18.89
N CYS D 99 -14.29 -26.20 -18.32
CA CYS D 99 -13.31 -25.26 -17.72
C CYS D 99 -12.57 -25.95 -16.58
N PRO D 100 -11.27 -25.69 -16.34
CA PRO D 100 -10.52 -26.45 -15.37
C PRO D 100 -11.02 -26.33 -13.93
N ALA D 101 -11.36 -25.14 -13.43
CA ALA D 101 -11.71 -24.90 -12.01
C ALA D 101 -13.07 -24.22 -11.85
N PRO D 102 -13.82 -24.46 -10.75
CA PRO D 102 -15.15 -23.87 -10.56
C PRO D 102 -15.32 -22.49 -9.92
N PHE D 103 -16.45 -21.79 -10.14
CA PHE D 103 -16.78 -20.52 -9.51
C PHE D 103 -15.79 -19.41 -9.88
N THR D 104 -15.19 -19.49 -11.06
CA THR D 104 -14.31 -18.47 -11.56
C THR D 104 -14.78 -17.99 -12.92
N ARG D 105 -14.51 -16.71 -13.20
CA ARG D 105 -14.75 -16.13 -14.51
C ARG D 105 -13.59 -16.36 -15.45
N ASP D 106 -12.52 -17.08 -15.07
CA ASP D 106 -11.38 -17.39 -15.99
C ASP D 106 -11.43 -18.84 -16.49
N CYS D 107 -11.13 -19.10 -17.77
CA CYS D 107 -11.05 -20.47 -18.33
C CYS D 107 -9.70 -20.62 -19.04
N PHE D 108 -8.88 -21.60 -18.68
CA PHE D 108 -7.50 -21.75 -19.20
C PHE D 108 -7.22 -23.12 -19.80
N ASP D 109 -6.53 -23.20 -20.94
CA ASP D 109 -6.06 -24.47 -21.54
C ASP D 109 -7.18 -25.35 -22.08
N VAL D 110 -8.34 -24.80 -22.38
CA VAL D 110 -9.46 -25.58 -23.01
C VAL D 110 -9.02 -26.03 -24.42
N THR D 111 -8.31 -25.22 -25.21
CA THR D 111 -7.87 -25.54 -26.60
C THR D 111 -6.46 -26.12 -26.64
N SER D 112 -5.87 -26.57 -25.53
CA SER D 112 -4.53 -27.14 -25.48
C SER D 112 -4.46 -28.41 -26.33
N THR D 113 -3.23 -28.78 -26.69
CA THR D 113 -3.02 -29.98 -27.50
C THR D 113 -3.47 -31.22 -26.75
N THR D 114 -3.26 -31.29 -25.42
CA THR D 114 -3.75 -32.42 -24.60
C THR D 114 -4.32 -31.89 -23.27
N TYR D 115 -5.58 -32.19 -22.96
CA TYR D 115 -6.30 -31.66 -21.76
C TYR D 115 -7.07 -32.83 -21.16
N ALA D 116 -7.35 -32.84 -19.86
CA ALA D 116 -7.97 -34.00 -19.18
C ALA D 116 -9.50 -33.93 -19.16
N TYR D 117 -10.12 -32.76 -18.93
CA TYR D 117 -11.56 -32.60 -18.82
C TYR D 117 -12.14 -32.25 -20.19
N ARG D 118 -11.98 -33.18 -21.12
CA ARG D 118 -12.52 -33.04 -22.47
C ARG D 118 -13.25 -34.33 -22.86
N GLY D 119 -14.02 -34.24 -23.94
CA GLY D 119 -14.75 -35.38 -24.43
C GLY D 119 -14.01 -36.10 -25.55
N GLN D 120 -14.67 -37.13 -26.09
CA GLN D 120 -14.09 -37.90 -27.19
C GLN D 120 -14.37 -37.27 -28.54
N GLY D 121 -15.49 -36.57 -28.68
CA GLY D 121 -15.81 -35.86 -29.91
C GLY D 121 -16.67 -36.70 -30.84
N THR D 122 -17.38 -35.99 -31.72
CA THR D 122 -18.24 -36.60 -32.74
C THR D 122 -17.86 -36.05 -34.10
N GLN D 123 -17.74 -36.94 -35.09
CA GLN D 123 -17.36 -36.53 -36.43
C GLN D 123 -18.53 -35.85 -37.14
N VAL D 124 -18.65 -34.53 -36.99
CA VAL D 124 -19.72 -33.78 -37.62
C VAL D 124 -19.19 -33.32 -38.99
N THR D 125 -19.44 -34.15 -40.00
CA THR D 125 -19.04 -33.85 -41.36
C THR D 125 -20.23 -33.37 -42.18
N VAL D 126 -19.95 -32.49 -43.15
CA VAL D 126 -20.97 -31.90 -44.00
C VAL D 126 -20.77 -32.44 -45.42
N SER D 127 -21.87 -32.89 -46.03
CA SER D 127 -21.81 -33.41 -47.39
C SER D 127 -22.06 -32.31 -48.42
N ASN E 41 5.19 72.25 48.67
CA ASN E 41 4.24 71.62 47.77
C ASN E 41 4.89 71.20 46.45
N TYR E 42 4.09 71.13 45.39
CA TYR E 42 4.60 70.69 44.10
C TYR E 42 5.67 71.63 43.55
N GLU E 43 5.57 72.93 43.85
CA GLU E 43 6.55 73.88 43.33
C GLU E 43 7.97 73.57 43.82
N THR E 44 8.10 73.04 45.04
CA THR E 44 9.41 72.64 45.53
C THR E 44 9.97 71.46 44.75
N ALA E 45 9.11 70.68 44.09
CA ALA E 45 9.56 69.52 43.35
C ALA E 45 9.86 69.81 41.88
N VAL E 46 9.25 70.83 41.30
CA VAL E 46 9.47 71.13 39.88
C VAL E 46 10.85 71.75 39.68
N GLN E 47 11.18 72.78 40.45
CA GLN E 47 12.49 73.40 40.36
C GLN E 47 13.60 72.49 40.89
N PHE E 48 13.25 71.41 41.57
CA PHE E 48 14.27 70.48 42.06
C PHE E 48 14.94 69.74 40.90
N CYS E 49 14.14 69.12 40.04
CA CYS E 49 14.66 68.37 38.91
C CYS E 49 14.72 69.18 37.63
N TRP E 50 14.31 70.45 37.66
CA TRP E 50 14.42 71.30 36.48
C TRP E 50 15.88 71.58 36.14
N ASN E 51 16.67 71.99 37.14
CA ASN E 51 18.09 72.17 36.93
C ASN E 51 18.85 70.84 36.92
N HIS E 52 18.24 69.77 37.42
CA HIS E 52 18.87 68.46 37.35
C HIS E 52 18.93 67.95 35.92
N TYR E 53 17.87 68.21 35.14
CA TYR E 53 17.89 67.82 33.73
C TYR E 53 18.98 68.55 32.96
N LYS E 54 19.25 69.81 33.32
CA LYS E 54 20.32 70.55 32.68
C LYS E 54 21.68 69.91 32.94
N ASP E 55 21.82 69.23 34.09
CA ASP E 55 23.08 68.59 34.40
C ASP E 55 23.30 67.33 33.56
N GLN E 56 22.23 66.67 33.13
CA GLN E 56 22.34 65.49 32.28
C GLN E 56 22.52 65.83 30.81
N MET E 57 22.28 67.08 30.43
CA MET E 57 22.37 67.48 29.03
C MET E 57 23.81 67.83 28.62
N ASP E 58 24.67 68.12 29.58
CA ASP E 58 26.06 68.47 29.27
C ASP E 58 26.80 67.42 28.44
N PRO E 59 26.74 66.12 28.76
CA PRO E 59 27.45 65.15 27.90
C PRO E 59 26.92 65.11 26.48
N ILE E 60 25.63 65.41 26.28
CA ILE E 60 25.03 65.37 24.96
C ILE E 60 24.71 66.79 24.47
N GLU E 61 25.38 67.81 25.02
CA GLU E 61 25.14 69.17 24.61
C GLU E 61 25.65 69.41 23.18
N LYS E 62 25.11 70.45 22.55
CA LYS E 62 25.40 70.83 21.17
C LYS E 62 24.96 69.75 20.19
N ASP E 63 24.34 68.68 20.68
CA ASP E 63 23.86 67.61 19.83
C ASP E 63 22.50 67.09 20.33
N TRP E 64 21.61 67.99 20.69
CA TRP E 64 20.33 67.63 21.31
C TRP E 64 19.18 67.51 20.33
N CYS E 65 19.34 67.96 19.09
CA CYS E 65 18.23 68.00 18.14
C CYS E 65 18.14 66.74 17.28
N ASP E 66 18.59 65.60 17.81
CA ASP E 66 18.45 64.31 17.15
C ASP E 66 17.56 63.40 18.00
N TRP E 67 17.11 62.30 17.39
CA TRP E 67 16.17 61.41 18.04
C TRP E 67 16.83 60.22 18.74
N ALA E 68 18.05 59.86 18.36
CA ALA E 68 18.66 58.64 18.90
C ALA E 68 19.23 58.87 20.29
N MET E 69 20.00 59.94 20.47
CA MET E 69 20.70 60.19 21.73
C MET E 69 19.84 60.87 22.79
N ILE E 70 18.55 61.11 22.51
CA ILE E 70 17.66 61.71 23.50
C ILE E 70 16.71 60.68 24.10
N SER E 71 16.99 59.39 23.93
CA SER E 71 16.11 58.35 24.46
C SER E 71 16.12 58.34 25.99
N ARG E 72 17.30 58.18 26.58
CA ARG E 72 17.39 58.08 28.03
C ARG E 72 17.22 59.43 28.73
N PRO E 73 17.95 60.50 28.36
CA PRO E 73 17.84 61.75 29.13
C PRO E 73 16.45 62.39 29.10
N TYR E 74 15.60 62.03 28.15
CA TYR E 74 14.26 62.62 28.07
C TYR E 74 13.23 61.81 28.84
N SER E 75 13.38 60.49 28.87
CA SER E 75 12.42 59.64 29.58
C SER E 75 12.48 59.86 31.09
N THR E 76 13.66 60.22 31.61
CA THR E 76 13.82 60.43 33.05
C THR E 76 13.25 61.76 33.51
N LEU E 77 12.95 62.69 32.59
CA LEU E 77 12.39 63.97 32.98
C LEU E 77 10.94 63.82 33.42
N ARG E 78 10.16 63.01 32.70
CA ARG E 78 8.75 62.83 33.02
C ARG E 78 8.55 62.11 34.36
N ASP E 79 9.46 61.20 34.70
CA ASP E 79 9.31 60.45 35.95
C ASP E 79 9.31 61.38 37.16
N CYS E 80 10.09 62.46 37.10
CA CYS E 80 10.06 63.45 38.18
C CYS E 80 8.69 64.10 38.27
N LEU E 81 8.16 64.54 37.13
CA LEU E 81 6.85 65.20 37.13
C LEU E 81 5.74 64.23 37.53
N GLU E 82 5.82 62.98 37.07
CA GLU E 82 4.76 62.01 37.37
C GLU E 82 4.80 61.57 38.82
N HIS E 83 6.01 61.29 39.35
CA HIS E 83 6.11 60.72 40.69
C HIS E 83 5.79 61.75 41.77
N PHE E 84 6.28 62.98 41.61
CA PHE E 84 6.06 63.98 42.63
C PHE E 84 4.61 64.48 42.64
N ALA E 85 3.98 64.52 41.46
CA ALA E 85 2.64 65.07 41.34
C ALA E 85 1.53 64.03 41.38
N GLU E 86 1.84 62.78 41.72
CA GLU E 86 0.80 61.76 41.77
C GLU E 86 -0.20 62.04 42.88
N LEU E 87 0.25 62.69 43.96
CA LEU E 87 -0.65 63.06 45.03
C LEU E 87 -1.68 64.07 44.55
N PHE E 88 -1.25 65.03 43.74
CA PHE E 88 -2.17 66.01 43.17
C PHE E 88 -3.01 65.37 42.06
N ASP E 89 -4.16 65.98 41.80
CA ASP E 89 -5.13 65.44 40.86
C ASP E 89 -4.93 65.94 39.44
N LEU E 90 -3.86 66.66 39.17
CA LEU E 90 -3.60 67.22 37.85
C LEU E 90 -2.69 66.34 36.99
N GLY E 91 -2.11 65.29 37.57
CA GLY E 91 -1.31 64.33 36.83
C GLY E 91 -0.12 64.95 36.12
N PHE E 92 0.27 64.27 35.03
CA PHE E 92 1.37 64.72 34.18
C PHE E 92 1.03 66.03 33.48
N PRO E 93 -0.19 66.20 32.86
CA PRO E 93 -0.55 67.49 32.27
C PRO E 93 -0.82 68.57 33.30
N ASN E 94 0.13 68.76 34.22
CA ASN E 94 0.01 69.83 35.20
C ASN E 94 0.25 71.17 34.52
N PRO E 95 -0.62 72.17 34.75
CA PRO E 95 -0.39 73.51 34.17
C PRO E 95 1.00 74.03 34.45
N LEU E 96 1.50 73.78 35.66
CA LEU E 96 2.87 74.15 36.00
C LEU E 96 3.87 73.32 35.22
N ALA E 97 3.63 72.01 35.12
CA ALA E 97 4.55 71.14 34.39
C ALA E 97 4.40 71.29 32.89
N GLU E 98 3.21 71.69 32.42
CA GLU E 98 2.98 71.82 30.99
C GLU E 98 3.89 72.88 30.37
N ARG E 99 4.14 73.96 31.10
CA ARG E 99 4.99 75.03 30.58
C ARG E 99 6.47 74.64 30.62
N ILE E 100 6.90 73.96 31.67
CA ILE E 100 8.31 73.64 31.81
C ILE E 100 8.75 72.59 30.80
N ILE E 101 7.81 71.74 30.34
CA ILE E 101 8.16 70.78 29.30
C ILE E 101 8.03 71.40 27.92
N PHE E 102 7.12 72.37 27.77
CA PHE E 102 7.00 73.07 26.49
C PHE E 102 8.16 74.05 26.29
N GLU E 103 8.58 74.71 27.37
CA GLU E 103 9.74 75.60 27.28
C GLU E 103 11.04 74.81 27.09
N THR E 104 11.10 73.59 27.63
CA THR E 104 12.29 72.77 27.44
C THR E 104 12.53 72.48 25.96
N HIS E 105 11.46 72.30 25.19
CA HIS E 105 11.56 72.10 23.75
C HIS E 105 11.81 73.40 22.98
N GLN E 106 12.09 74.49 23.69
CA GLN E 106 12.40 75.77 23.06
C GLN E 106 13.83 76.22 23.30
N ILE E 107 14.42 75.91 24.45
CA ILE E 107 15.81 76.27 24.72
C ILE E 107 16.81 75.39 23.99
N HIS E 108 16.35 74.26 23.44
CA HIS E 108 17.24 73.30 22.79
C HIS E 108 17.03 73.20 21.29
N PHE E 109 15.80 73.01 20.84
CA PHE E 109 15.51 72.77 19.43
C PHE E 109 14.94 74.01 18.75
N ALA E 110 15.44 75.19 19.12
CA ALA E 110 15.00 76.42 18.46
C ALA E 110 15.76 76.68 17.18
N ASN E 111 17.08 76.50 17.21
CA ASN E 111 17.92 76.79 16.05
C ASN E 111 18.13 75.58 15.15
N CYS E 112 17.94 74.37 15.67
CA CYS E 112 18.14 73.15 14.89
C CYS E 112 16.86 72.37 14.64
N SER E 113 15.93 72.36 15.60
CA SER E 113 14.66 71.64 15.47
C SER E 113 14.87 70.16 15.14
N ASP E 125 19.10 45.47 8.80
CA ASP E 125 20.24 44.88 8.11
C ASP E 125 20.86 43.72 8.88
N VAL E 126 21.06 43.89 10.19
CA VAL E 126 21.63 42.85 11.03
C VAL E 126 20.49 41.97 11.53
N LEU E 127 19.25 42.42 11.29
CA LEU E 127 18.06 41.69 11.71
C LEU E 127 17.58 40.69 10.66
N LEU E 128 17.54 41.11 9.40
CA LEU E 128 17.14 40.20 8.34
C LEU E 128 18.23 39.20 7.97
N ALA E 129 19.47 39.46 8.38
CA ALA E 129 20.57 38.55 8.05
C ALA E 129 20.34 37.18 8.67
N MET E 130 19.88 37.13 9.91
CA MET E 130 19.57 35.88 10.58
C MET E 130 18.19 35.33 10.20
N ILE E 131 17.54 35.90 9.19
CA ILE E 131 16.23 35.45 8.76
C ILE E 131 16.28 34.83 7.37
N ILE E 132 16.90 35.51 6.40
CA ILE E 132 16.97 34.98 5.05
C ILE E 132 18.06 33.92 4.88
N ALA E 133 19.07 33.90 5.75
CA ALA E 133 20.11 32.88 5.66
C ALA E 133 19.56 31.48 5.96
N PRO E 134 18.77 31.26 7.02
CA PRO E 134 18.20 29.92 7.21
C PRO E 134 17.20 29.53 6.13
N ILE E 135 16.44 30.49 5.60
CA ILE E 135 15.51 30.17 4.51
C ILE E 135 16.29 29.81 3.25
N CYS E 136 17.40 30.52 2.98
CA CYS E 136 18.19 30.23 1.79
C CYS E 136 18.82 28.85 1.86
N LEU E 137 19.06 28.33 3.06
CA LEU E 137 19.69 27.03 3.24
C LEU E 137 18.72 25.87 3.13
N ILE E 138 17.43 26.13 2.97
CA ILE E 138 16.44 25.06 2.83
C ILE E 138 16.51 24.46 1.41
N PRO E 139 16.41 25.26 0.34
CA PRO E 139 16.46 24.65 -1.01
C PRO E 139 17.76 23.93 -1.30
N PHE E 140 18.85 24.29 -0.62
CA PHE E 140 20.08 23.52 -0.76
C PHE E 140 19.92 22.12 -0.18
N LEU E 141 19.00 21.95 0.78
CA LEU E 141 18.70 20.63 1.34
C LEU E 141 17.51 19.97 0.66
N ILE E 142 16.57 20.76 0.12
CA ILE E 142 15.45 20.18 -0.60
C ILE E 142 15.93 19.60 -1.93
N THR E 143 16.93 20.22 -2.55
CA THR E 143 17.52 19.64 -3.76
C THR E 143 18.41 18.45 -3.40
N LEU E 144 19.02 18.47 -2.21
CA LEU E 144 19.93 17.39 -1.83
C LEU E 144 19.18 16.09 -1.59
N VAL E 145 17.95 16.16 -1.06
CA VAL E 145 17.21 14.94 -0.75
C VAL E 145 16.65 14.31 -2.03
N VAL E 146 16.31 15.13 -3.02
CA VAL E 146 15.78 14.59 -4.27
C VAL E 146 16.91 14.17 -5.20
N TRP E 147 18.05 14.84 -5.13
CA TRP E 147 19.20 14.54 -5.97
C TRP E 147 20.47 14.66 -5.16
N ARG E 148 21.32 13.63 -5.20
CA ARG E 148 22.57 13.63 -4.46
C ARG E 148 23.52 14.70 -4.98
N CYS F 1 5.70 38.32 14.13
CA CYS F 1 4.69 38.18 13.05
C CYS F 1 3.38 38.81 13.51
N GLY F 2 2.37 37.98 13.79
CA GLY F 2 1.03 38.51 14.15
C GLY F 2 0.17 38.53 12.91
N ASN F 3 -1.06 38.04 13.01
CA ASN F 3 -1.96 37.94 11.83
C ASN F 3 -1.31 37.03 10.78
N LEU F 4 -0.52 36.04 11.20
CA LEU F 4 0.10 35.07 10.26
C LEU F 4 -0.43 33.70 10.66
N SER F 5 -0.75 32.85 9.69
CA SER F 5 -1.39 31.55 10.01
C SER F 5 -0.49 30.66 10.89
N THR F 6 0.82 30.64 10.66
CA THR F 6 1.73 29.76 11.43
C THR F 6 1.77 30.17 12.91
N CYS F 7 1.78 31.47 13.21
CA CYS F 7 1.89 31.94 14.62
C CYS F 7 0.53 32.34 15.16
N MET F 8 -0.54 31.81 14.56
CA MET F 8 -1.91 32.10 15.05
C MET F 8 -2.02 31.59 16.48
N LEU F 9 -1.44 30.42 16.77
CA LEU F 9 -1.46 29.90 18.16
C LEU F 9 -0.69 30.86 19.07
N GLY F 10 0.48 31.34 18.65
CA GLY F 10 1.25 32.32 19.45
C GLY F 10 0.53 33.65 19.62
N THR F 11 -0.10 34.17 18.56
CA THR F 11 -0.84 35.45 18.64
C THR F 11 -1.99 35.26 19.62
N TYR F 12 -2.62 34.10 19.57
CA TYR F 12 -3.70 33.79 20.54
C TYR F 12 -3.09 33.64 21.93
N THR F 13 -1.91 33.01 22.02
CA THR F 13 -1.29 32.81 23.33
C THR F 13 -0.91 34.13 24.00
N GLN F 14 -0.82 35.21 23.23
CA GLN F 14 -0.48 36.52 23.80
C GLN F 14 -1.71 37.30 24.20
N ASP F 15 -2.70 37.39 23.30
CA ASP F 15 -3.91 38.16 23.60
C ASP F 15 -4.69 37.55 24.74
N PHE F 16 -4.77 36.22 24.79
CA PHE F 16 -5.47 35.57 25.90
C PHE F 16 -4.72 35.73 27.21
N ASN F 17 -3.39 35.82 27.14
CA ASN F 17 -2.57 35.94 28.34
C ASN F 17 -2.61 37.35 28.91
N LYS F 18 -2.81 38.37 28.07
CA LYS F 18 -2.78 39.76 28.53
C LYS F 18 -3.93 40.09 29.46
N PHE F 19 -5.02 39.33 29.44
CA PHE F 19 -6.15 39.63 30.31
C PHE F 19 -5.86 39.22 31.74
N HIS F 20 -5.21 38.07 31.93
CA HIS F 20 -4.99 37.56 33.28
C HIS F 20 -3.85 38.28 33.99
N THR F 21 -2.72 38.46 33.30
CA THR F 21 -1.51 38.98 33.92
C THR F 21 -1.40 40.50 33.91
N PHE F 22 -2.13 41.19 33.03
CA PHE F 22 -2.04 42.63 32.93
C PHE F 22 -3.37 43.26 33.31
N PRO F 23 -3.42 44.05 34.39
CA PRO F 23 -4.70 44.64 34.80
C PRO F 23 -5.16 45.71 33.83
N GLN F 24 -6.47 45.95 33.83
CA GLN F 24 -7.03 46.96 32.94
C GLN F 24 -6.65 48.36 33.43
N THR F 25 -6.42 49.26 32.47
CA THR F 25 -6.06 50.63 32.79
C THR F 25 -7.29 51.51 32.90
N ALA F 26 -7.09 52.72 33.39
CA ALA F 26 -8.17 53.69 33.54
C ALA F 26 -8.44 54.36 32.21
N ILE F 27 -9.64 54.17 31.67
CA ILE F 27 -10.00 54.74 30.36
C ILE F 27 -10.58 56.12 30.64
N GLY F 28 -9.69 57.09 30.78
CA GLY F 28 -10.06 58.47 30.98
C GLY F 28 -10.44 58.83 32.40
N VAL F 29 -10.90 57.88 33.20
CA VAL F 29 -11.33 58.14 34.57
C VAL F 29 -10.10 58.34 35.44
N GLY F 30 -9.98 59.52 36.03
CA GLY F 30 -8.81 59.83 36.83
C GLY F 30 -7.51 59.79 36.07
N ALA F 31 -7.58 60.05 34.76
CA ALA F 31 -6.40 59.99 33.89
C ALA F 31 -6.67 60.71 32.58
N PRO F 32 -5.69 60.69 31.68
CA PRO F 32 -5.86 61.28 30.35
C PRO F 32 -6.93 60.63 29.49
N LYS G 45 8.86 46.77 36.97
CA LYS G 45 8.01 47.09 35.83
C LYS G 45 8.06 45.98 34.79
N PRO G 46 6.88 45.55 34.33
CA PRO G 46 6.84 44.52 33.29
C PRO G 46 7.45 45.02 31.99
N PHE G 47 7.88 44.07 31.15
CA PHE G 47 8.55 44.44 29.90
C PHE G 47 7.62 45.21 28.97
N LEU G 48 6.34 44.82 28.91
CA LEU G 48 5.40 45.53 28.06
C LEU G 48 5.17 46.95 28.57
N TYR G 49 5.16 47.15 29.89
CA TYR G 49 5.04 48.48 30.45
C TYR G 49 6.33 49.28 30.26
N VAL G 50 7.48 48.59 30.27
CA VAL G 50 8.74 49.27 30.02
C VAL G 50 8.81 49.78 28.59
N VAL G 51 8.39 48.96 27.63
CA VAL G 51 8.37 49.38 26.23
C VAL G 51 7.17 50.26 25.91
N GLY G 52 6.20 50.37 26.82
CA GLY G 52 5.09 51.27 26.64
C GLY G 52 5.46 52.69 26.99
N ARG G 53 6.11 52.86 28.14
CA ARG G 53 6.63 54.18 28.51
C ARG G 53 7.73 54.62 27.56
N LYS G 54 8.56 53.68 27.10
CA LYS G 54 9.62 54.02 26.15
C LYS G 54 9.04 54.53 24.84
N LYS G 55 7.90 53.95 24.41
CA LYS G 55 7.24 54.43 23.20
C LYS G 55 6.42 55.68 23.46
N MET G 56 5.91 55.84 24.68
CA MET G 56 5.12 57.02 25.01
C MET G 56 5.97 58.28 25.02
N MET G 57 7.24 58.17 25.42
CA MET G 57 8.13 59.33 25.41
C MET G 57 8.47 59.76 23.98
N ASP G 58 8.46 58.82 23.03
CA ASP G 58 8.71 59.18 21.64
C ASP G 58 7.60 60.04 21.07
N ALA G 59 6.36 59.83 21.51
CA ALA G 59 5.25 60.65 21.05
C ALA G 59 5.21 61.99 21.76
N GLN G 60 5.62 62.04 23.03
CA GLN G 60 5.63 63.30 23.76
C GLN G 60 6.62 64.28 23.15
N TYR G 61 7.81 63.81 22.79
CA TYR G 61 8.80 64.68 22.15
C TYR G 61 8.36 65.06 20.74
N LYS G 62 7.78 64.12 20.01
CA LYS G 62 7.35 64.41 18.64
C LYS G 62 6.19 65.40 18.62
N CYS G 63 5.26 65.26 19.56
CA CYS G 63 4.09 66.15 19.59
C CYS G 63 4.49 67.57 19.99
N TYR G 64 5.25 67.71 21.07
CA TYR G 64 5.67 69.04 21.51
C TYR G 64 6.56 69.71 20.47
N ASP G 65 7.37 68.93 19.74
CA ASP G 65 8.15 69.50 18.65
C ASP G 65 7.27 69.89 17.47
N ARG G 66 6.20 69.14 17.22
CA ARG G 66 5.29 69.48 16.14
C ARG G 66 4.49 70.74 16.46
N MET G 67 4.16 70.96 17.74
CA MET G 67 3.45 72.16 18.14
C MET G 67 4.30 73.42 18.02
N GLN G 68 5.63 73.27 17.91
CA GLN G 68 6.53 74.42 17.78
C GLN G 68 6.65 74.86 16.32
N GLN G 69 6.82 73.92 15.40
CA GLN G 69 6.99 74.27 13.99
C GLN G 69 5.68 74.68 13.35
N LEU G 70 4.57 74.03 13.72
CA LEU G 70 3.28 74.37 13.15
C LEU G 70 2.77 75.67 13.75
N PRO G 71 2.35 76.63 12.93
CA PRO G 71 1.84 77.90 13.47
C PRO G 71 0.37 77.77 13.88
N ALA G 72 -0.11 78.83 14.53
CA ALA G 72 -1.50 78.87 14.98
C ALA G 72 -2.43 79.29 13.85
N TYR G 73 -3.71 79.01 14.04
CA TYR G 73 -4.74 79.35 13.06
C TYR G 73 -5.95 79.92 13.79
N GLN G 74 -6.55 80.95 13.22
CA GLN G 74 -7.71 81.62 13.80
C GLN G 74 -8.98 80.88 13.39
N GLY G 75 -9.72 80.37 14.36
CA GLY G 75 -10.95 79.65 14.12
C GLY G 75 -12.17 80.55 14.26
N GLU G 76 -13.33 79.90 14.32
CA GLU G 76 -14.61 80.59 14.45
C GLU G 76 -14.81 80.95 15.92
N GLY G 77 -14.38 82.16 16.29
CA GLY G 77 -14.46 82.61 17.66
C GLY G 77 -13.67 81.73 18.60
N PRO G 78 -14.20 81.51 19.81
CA PRO G 78 -13.56 80.58 20.74
C PRO G 78 -13.61 79.15 20.19
N TYR G 79 -12.44 78.55 20.01
CA TYR G 79 -12.33 77.24 19.40
C TYR G 79 -11.49 76.33 20.28
N CYS G 80 -11.25 75.11 19.77
CA CYS G 80 -10.53 74.08 20.52
C CYS G 80 -9.05 74.14 20.13
N ASN G 81 -8.24 74.73 20.99
CA ASN G 81 -6.81 74.87 20.72
C ASN G 81 -6.12 73.52 20.88
N ARG G 82 -4.81 73.50 20.64
CA ARG G 82 -4.05 72.26 20.73
C ARG G 82 -3.66 71.97 22.17
N THR G 83 -3.92 70.73 22.60
CA THR G 83 -3.59 70.30 23.95
C THR G 83 -2.98 68.90 23.90
N TRP G 84 -2.11 68.61 24.87
CA TRP G 84 -1.50 67.30 25.02
C TRP G 84 -2.09 66.65 26.28
N ASP G 85 -2.98 65.68 26.08
CA ASP G 85 -3.64 65.05 27.23
C ASP G 85 -2.69 64.14 27.99
N GLY G 86 -1.74 63.53 27.28
CA GLY G 86 -0.80 62.63 27.92
C GLY G 86 -0.47 61.41 27.09
N TRP G 87 -1.36 61.05 26.17
CA TRP G 87 -1.17 59.89 25.30
C TRP G 87 -1.13 60.24 23.82
N LEU G 88 -2.01 61.13 23.37
CA LEU G 88 -1.99 61.61 21.99
C LEU G 88 -2.17 63.11 21.98
N CYS G 89 -1.44 63.79 21.09
CA CYS G 89 -1.63 65.22 20.92
C CYS G 89 -2.73 65.51 19.90
N TRP G 90 -3.46 66.58 20.14
CA TRP G 90 -4.49 67.06 19.24
C TRP G 90 -4.10 68.42 18.70
N ASP G 91 -4.42 68.66 17.44
CA ASP G 91 -4.09 69.93 16.79
C ASP G 91 -5.20 70.95 17.04
N ASP G 92 -4.99 72.17 16.58
CA ASP G 92 -6.00 73.21 16.71
C ASP G 92 -7.21 72.91 15.84
N THR G 93 -8.39 72.91 16.46
CA THR G 93 -9.62 72.54 15.78
C THR G 93 -10.71 73.55 16.09
N PRO G 94 -11.46 73.98 15.08
CA PRO G 94 -12.59 74.89 15.34
C PRO G 94 -13.63 74.24 16.25
N ALA G 95 -14.41 75.10 16.91
CA ALA G 95 -15.43 74.62 17.84
C ALA G 95 -16.51 73.86 17.09
N GLY G 96 -17.01 72.79 17.72
CA GLY G 96 -18.04 71.96 17.15
C GLY G 96 -17.56 70.86 16.24
N VAL G 97 -16.25 70.71 16.06
CA VAL G 97 -15.68 69.69 15.19
C VAL G 97 -15.03 68.64 16.10
N LEU G 98 -15.67 67.48 16.21
CA LEU G 98 -15.13 66.38 17.00
C LEU G 98 -13.97 65.72 16.27
N SER G 99 -13.08 65.10 17.05
CA SER G 99 -11.88 64.46 16.51
C SER G 99 -11.85 63.01 16.97
N TYR G 100 -11.91 62.09 16.01
CA TYR G 100 -11.81 60.66 16.29
C TYR G 100 -10.42 60.17 15.89
N GLN G 101 -9.68 59.65 16.86
CA GLN G 101 -8.32 59.19 16.65
C GLN G 101 -8.13 57.80 17.26
N PHE G 102 -7.29 57.00 16.61
CA PHE G 102 -7.01 55.65 17.09
C PHE G 102 -6.29 55.71 18.44
N CYS G 103 -6.75 54.90 19.38
CA CYS G 103 -6.10 54.83 20.67
C CYS G 103 -4.73 54.14 20.54
N PRO G 104 -3.75 54.54 21.36
CA PRO G 104 -2.40 54.00 21.18
C PRO G 104 -2.30 52.56 21.65
N ASP G 105 -1.20 51.93 21.22
CA ASP G 105 -0.87 50.56 21.63
C ASP G 105 0.17 50.53 22.74
N TYR G 106 0.21 51.56 23.58
CA TYR G 106 1.20 51.62 24.65
C TYR G 106 0.93 50.54 25.70
N PHE G 107 -0.29 50.45 26.18
CA PHE G 107 -0.67 49.47 27.18
C PHE G 107 -1.04 48.15 26.53
N PRO G 108 -0.79 47.04 27.23
CA PRO G 108 -1.11 45.73 26.62
C PRO G 108 -2.60 45.50 26.41
N ASP G 109 -3.44 46.10 27.26
CA ASP G 109 -4.89 45.91 27.17
C ASP G 109 -5.56 46.95 26.27
N PHE G 110 -4.80 47.51 25.32
CA PHE G 110 -5.32 48.49 24.39
C PHE G 110 -5.12 47.99 22.97
N ASP G 111 -6.20 48.00 22.18
CA ASP G 111 -6.13 47.60 20.78
C ASP G 111 -6.33 48.80 19.88
N PRO G 112 -5.47 48.99 18.87
CA PRO G 112 -5.59 50.18 18.01
C PRO G 112 -6.78 50.17 17.07
N SER G 113 -7.62 49.11 17.11
CA SER G 113 -8.76 49.06 16.21
C SER G 113 -9.77 50.15 16.52
N GLU G 114 -10.12 50.31 17.79
CA GLU G 114 -11.11 51.31 18.18
C GLU G 114 -10.49 52.71 18.16
N LYS G 115 -11.36 53.71 18.34
CA LYS G 115 -10.97 55.10 18.31
C LYS G 115 -11.38 55.78 19.61
N VAL G 116 -11.01 57.05 19.73
CA VAL G 116 -11.38 57.87 20.88
C VAL G 116 -12.48 58.83 20.46
N THR G 117 -13.10 59.48 21.45
CA THR G 117 -14.25 60.35 21.23
C THR G 117 -14.01 61.67 21.99
N LYS G 118 -12.83 62.24 21.82
CA LYS G 118 -12.54 63.53 22.43
C LYS G 118 -13.41 64.62 21.80
N TYR G 119 -14.01 65.44 22.65
CA TYR G 119 -14.99 66.43 22.23
C TYR G 119 -14.74 67.74 22.95
N CYS G 120 -15.09 68.85 22.29
CA CYS G 120 -14.98 70.18 22.86
C CYS G 120 -16.25 70.96 22.55
N ASP G 121 -16.81 71.61 23.57
CA ASP G 121 -18.07 72.33 23.41
C ASP G 121 -17.84 73.70 22.77
N GLU G 122 -18.94 74.41 22.57
CA GLU G 122 -18.92 75.67 21.82
C GLU G 122 -18.28 76.82 22.59
N LYS G 123 -18.22 76.73 23.93
CA LYS G 123 -17.70 77.85 24.71
C LYS G 123 -16.23 78.12 24.41
N GLY G 124 -15.49 77.12 23.95
CA GLY G 124 -14.11 77.33 23.56
C GLY G 124 -13.11 76.53 24.36
N VAL G 125 -13.58 75.45 25.00
CA VAL G 125 -12.73 74.58 25.79
C VAL G 125 -13.12 73.13 25.51
N TRP G 126 -12.22 72.22 25.86
CA TRP G 126 -12.50 70.80 25.70
C TRP G 126 -13.47 70.33 26.77
N PHE G 127 -14.03 69.13 26.54
CA PHE G 127 -15.06 68.61 27.44
C PHE G 127 -14.48 68.33 28.82
N LYS G 128 -15.26 68.68 29.85
CA LYS G 128 -14.89 68.45 31.23
C LYS G 128 -15.81 67.38 31.82
N HIS G 129 -15.22 66.31 32.34
CA HIS G 129 -16.00 65.27 32.97
C HIS G 129 -16.67 65.82 34.22
N PRO G 130 -17.96 65.49 34.45
CA PRO G 130 -18.65 66.07 35.61
C PRO G 130 -18.07 65.66 36.94
N GLU G 131 -17.36 64.53 37.00
CA GLU G 131 -16.81 64.07 38.27
C GLU G 131 -15.57 64.87 38.64
N ASN G 132 -14.55 64.86 37.78
CA ASN G 132 -13.29 65.51 38.12
C ASN G 132 -13.29 67.00 37.80
N ASN G 133 -14.20 67.46 36.93
CA ASN G 133 -14.35 68.84 36.52
C ASN G 133 -13.12 69.38 35.79
N ARG G 134 -12.26 68.51 35.28
CA ARG G 134 -11.09 68.92 34.52
C ARG G 134 -11.19 68.39 33.10
N THR G 135 -10.20 68.75 32.27
CA THR G 135 -10.18 68.31 30.88
C THR G 135 -10.23 66.79 30.80
N TRP G 136 -11.04 66.29 29.86
CA TRP G 136 -11.29 64.86 29.75
C TRP G 136 -11.24 64.45 28.29
N SER G 137 -10.87 63.19 28.06
CA SER G 137 -10.87 62.58 26.74
C SER G 137 -11.45 61.18 26.85
N ASN G 138 -12.29 60.80 25.88
CA ASN G 138 -13.04 59.55 25.93
C ASN G 138 -12.19 58.42 25.33
N TYR G 139 -11.49 57.69 26.19
CA TYR G 139 -10.78 56.49 25.80
C TYR G 139 -11.58 55.22 26.07
N THR G 140 -12.82 55.35 26.53
CA THR G 140 -13.64 54.21 26.91
C THR G 140 -13.84 53.22 25.78
N MET G 141 -14.06 53.73 24.57
CA MET G 141 -14.39 52.85 23.44
C MET G 141 -13.23 51.92 23.10
N CYS G 142 -12.01 52.30 23.47
CA CYS G 142 -10.85 51.45 23.17
C CYS G 142 -10.89 50.16 23.97
N ASN G 143 -11.15 50.25 25.26
CA ASN G 143 -11.15 49.09 26.14
C ASN G 143 -12.55 48.59 26.47
N ALA G 144 -13.60 49.20 25.91
CA ALA G 144 -14.96 48.75 26.20
C ALA G 144 -15.22 47.38 25.61
N PHE G 145 -14.53 47.03 24.52
CA PHE G 145 -14.74 45.75 23.85
C PHE G 145 -13.99 44.60 24.51
N THR G 146 -13.17 44.87 25.51
CA THR G 146 -12.40 43.80 26.14
C THR G 146 -13.27 42.74 26.82
N PRO G 147 -14.31 43.08 27.59
CA PRO G 147 -15.11 42.00 28.21
C PRO G 147 -15.81 41.11 27.20
N GLU G 148 -16.33 41.68 26.10
CA GLU G 148 -17.02 40.86 25.11
C GLU G 148 -16.04 39.96 24.36
N LYS G 149 -14.86 40.47 24.02
CA LYS G 149 -13.87 39.63 23.37
C LYS G 149 -13.29 38.60 24.32
N LEU G 150 -13.45 38.80 25.63
CA LEU G 150 -12.95 37.84 26.60
C LEU G 150 -13.69 36.51 26.50
N LYS G 151 -15.02 36.56 26.45
CA LYS G 151 -15.80 35.33 26.36
C LYS G 151 -15.66 34.69 24.98
N ASN G 152 -15.56 35.50 23.93
CA ASN G 152 -15.39 34.97 22.59
C ASN G 152 -14.04 34.26 22.45
N ALA G 153 -13.00 34.81 23.06
CA ALA G 153 -11.69 34.18 23.02
C ALA G 153 -11.66 32.91 23.88
N TYR G 154 -12.46 32.89 24.96
CA TYR G 154 -12.47 31.73 25.83
C TYR G 154 -13.00 30.49 25.09
N VAL G 155 -13.86 30.69 24.11
CA VAL G 155 -14.35 29.58 23.31
C VAL G 155 -13.20 28.94 22.52
N LEU G 156 -12.33 29.77 21.96
CA LEU G 156 -11.17 29.25 21.23
C LEU G 156 -10.20 28.54 22.17
N TYR G 157 -10.15 28.95 23.44
CA TYR G 157 -9.27 28.28 24.40
C TYR G 157 -9.71 26.84 24.64
N TYR G 158 -11.02 26.62 24.76
CA TYR G 158 -11.52 25.26 24.93
C TYR G 158 -11.47 24.47 23.62
N LEU G 159 -11.58 25.17 22.48
CA LEU G 159 -11.43 24.50 21.20
C LEU G 159 -9.99 24.03 20.99
N ALA G 160 -9.02 24.81 21.47
CA ALA G 160 -7.62 24.43 21.37
C ALA G 160 -7.25 23.29 22.30
N ILE G 161 -8.07 22.98 23.28
CA ILE G 161 -7.83 21.88 24.21
C ILE G 161 -8.55 20.62 23.76
N VAL G 162 -9.85 20.73 23.46
CA VAL G 162 -10.59 19.58 22.94
C VAL G 162 -10.06 19.18 21.57
N GLY G 163 -9.66 20.16 20.76
CA GLY G 163 -9.07 19.84 19.47
C GLY G 163 -7.74 19.12 19.60
N HIS G 164 -6.95 19.51 20.60
CA HIS G 164 -5.68 18.84 20.87
C HIS G 164 -5.82 17.63 21.79
N SER G 165 -7.02 17.39 22.33
CA SER G 165 -7.29 16.19 23.10
C SER G 165 -7.58 14.99 22.20
N LEU G 166 -8.15 15.23 21.03
CA LEU G 166 -8.33 14.18 20.03
C LEU G 166 -7.08 13.97 19.18
N SER G 167 -6.16 14.93 19.18
CA SER G 167 -4.88 14.76 18.52
C SER G 167 -3.94 13.82 19.28
N ILE G 168 -4.34 13.38 20.47
CA ILE G 168 -3.57 12.43 21.27
C ILE G 168 -4.34 11.12 21.45
N PHE G 169 -5.62 11.21 21.79
CA PHE G 169 -6.42 10.02 22.03
C PHE G 169 -6.64 9.22 20.74
N THR G 170 -6.81 9.91 19.62
CA THR G 170 -7.03 9.27 18.33
C THR G 170 -5.74 9.08 17.54
N LEU G 171 -4.59 9.41 18.13
CA LEU G 171 -3.30 9.24 17.47
C LEU G 171 -2.45 8.14 18.08
N VAL G 172 -2.53 7.92 19.39
CA VAL G 172 -1.83 6.79 20.00
C VAL G 172 -2.39 5.48 19.48
N ILE G 173 -3.68 5.47 19.12
CA ILE G 173 -4.25 4.30 18.44
C ILE G 173 -3.77 4.26 17.00
N SER G 174 -3.69 5.42 16.34
CA SER G 174 -3.16 5.49 15.00
C SER G 174 -1.66 5.16 14.94
N LEU G 175 -0.93 5.43 16.02
CA LEU G 175 0.48 5.08 16.08
C LEU G 175 0.71 3.69 16.65
N GLY G 176 -0.19 3.22 17.52
CA GLY G 176 -0.11 1.89 18.07
C GLY G 176 -0.46 0.77 17.11
N ILE G 177 -0.91 1.10 15.90
CA ILE G 177 -1.22 0.08 14.91
C ILE G 177 -0.01 -0.18 14.00
N PHE G 178 0.70 0.87 13.60
CA PHE G 178 1.86 0.69 12.74
C PHE G 178 2.99 -0.01 13.47
N VAL G 179 3.17 0.29 14.76
CA VAL G 179 4.24 -0.34 15.53
C VAL G 179 3.86 -1.77 15.89
N PHE G 180 2.56 -2.05 16.06
CA PHE G 180 2.13 -3.41 16.38
C PHE G 180 2.15 -4.29 15.13
N PHE G 181 1.59 -3.80 14.03
CA PHE G 181 1.51 -4.54 12.77
C PHE G 181 2.68 -4.11 11.90
N ARG G 182 3.73 -4.94 11.87
CA ARG G 182 4.91 -4.66 11.06
C ARG G 182 4.75 -5.11 9.61
N SER G 183 3.71 -5.88 9.30
CA SER G 183 3.48 -6.28 7.92
C SER G 183 3.16 -5.08 7.04
N LEU G 184 2.46 -4.08 7.60
CA LEU G 184 2.17 -2.85 6.88
C LEU G 184 3.39 -1.93 6.80
N GLY G 185 4.48 -2.27 7.47
CA GLY G 185 5.66 -1.42 7.50
C GLY G 185 6.30 -1.18 6.15
N CYS G 186 6.28 0.07 5.70
CA CYS G 186 6.93 0.48 4.47
C CYS G 186 7.59 1.83 4.70
N GLN G 187 8.29 2.32 3.67
CA GLN G 187 8.91 3.63 3.77
C GLN G 187 7.86 4.74 3.96
N ARG G 188 6.66 4.54 3.42
CA ARG G 188 5.58 5.48 3.68
C ARG G 188 5.13 5.41 5.14
N VAL G 189 5.15 4.22 5.72
CA VAL G 189 4.64 4.05 7.08
C VAL G 189 5.67 4.48 8.12
N THR G 190 6.96 4.24 7.90
CA THR G 190 7.96 4.67 8.87
C THR G 190 8.04 6.18 8.95
N LEU G 191 7.74 6.87 7.84
CA LEU G 191 7.63 8.32 7.88
C LEU G 191 6.36 8.76 8.59
N HIS G 192 5.31 7.92 8.54
CA HIS G 192 4.10 8.22 9.29
C HIS G 192 4.35 8.14 10.80
N LYS G 193 5.21 7.21 11.23
CA LYS G 193 5.56 7.12 12.64
C LYS G 193 6.23 8.39 13.13
N ASN G 194 7.14 8.95 12.33
CA ASN G 194 7.76 10.22 12.68
C ASN G 194 6.78 11.37 12.50
N MET G 195 5.92 11.29 11.48
CA MET G 195 4.89 12.30 11.29
C MET G 195 3.91 12.31 12.45
N PHE G 196 3.57 11.14 12.98
CA PHE G 196 2.69 11.07 14.13
C PHE G 196 3.41 11.44 15.42
N LEU G 197 4.71 11.10 15.52
CA LEU G 197 5.47 11.39 16.73
C LEU G 197 5.66 12.89 16.96
N THR G 198 5.60 13.71 15.91
CA THR G 198 5.70 15.15 16.09
C THR G 198 4.33 15.79 16.27
N TYR G 199 3.28 15.18 15.70
CA TYR G 199 1.93 15.62 15.98
C TYR G 199 1.55 15.37 17.44
N ILE G 200 2.10 14.32 18.04
CA ILE G 200 1.75 13.98 19.42
C ILE G 200 2.49 14.88 20.40
N LEU G 201 3.81 15.01 20.23
CA LEU G 201 4.59 15.81 21.17
C LEU G 201 4.28 17.30 21.08
N ASN G 202 3.89 17.78 19.89
CA ASN G 202 3.50 19.18 19.77
C ASN G 202 2.18 19.45 20.48
N SER G 203 1.26 18.50 20.45
CA SER G 203 -0.04 18.67 21.09
C SER G 203 0.01 18.43 22.59
N MET G 204 1.13 17.95 23.12
CA MET G 204 1.28 17.80 24.57
C MET G 204 1.91 19.02 25.21
N ILE G 205 2.88 19.66 24.55
CA ILE G 205 3.49 20.86 25.09
C ILE G 205 2.52 22.03 25.02
N ILE G 206 1.75 22.11 23.93
CA ILE G 206 0.76 23.18 23.79
C ILE G 206 -0.30 23.09 24.88
N ILE G 207 -0.77 21.87 25.18
CA ILE G 207 -1.74 21.70 26.24
C ILE G 207 -1.14 22.08 27.59
N ILE G 208 0.11 21.69 27.84
CA ILE G 208 0.80 22.10 29.06
C ILE G 208 0.96 23.61 29.10
N HIS G 209 1.37 24.20 27.97
CA HIS G 209 1.54 25.64 27.91
C HIS G 209 0.23 26.37 28.11
N LEU G 210 -0.88 25.82 27.58
CA LEU G 210 -2.15 26.52 27.64
C LEU G 210 -2.77 26.49 29.03
N VAL G 211 -2.37 25.53 29.88
CA VAL G 211 -2.97 25.39 31.20
C VAL G 211 -2.01 25.78 32.32
N GLU G 212 -0.77 26.11 32.00
CA GLU G 212 0.21 26.44 33.03
C GLU G 212 0.66 27.89 32.92
N VAL G 213 1.10 28.30 31.73
CA VAL G 213 1.65 29.65 31.57
C VAL G 213 0.57 30.65 31.19
N VAL G 214 -0.36 30.23 30.32
CA VAL G 214 -1.36 31.18 29.82
C VAL G 214 -2.31 31.67 30.90
N PRO G 215 -3.00 30.81 31.66
CA PRO G 215 -4.00 31.31 32.63
C PRO G 215 -3.45 31.66 34.01
N ASN G 216 -2.13 31.69 34.19
CA ASN G 216 -1.52 31.99 35.48
C ASN G 216 -0.88 33.36 35.41
N GLY G 217 -1.45 34.32 36.15
CA GLY G 217 -0.89 35.65 36.16
C GLY G 217 0.42 35.74 36.91
N GLU G 218 0.59 34.89 37.94
CA GLU G 218 1.80 34.93 38.75
C GLU G 218 3.03 34.54 37.94
N LEU G 219 2.89 33.54 37.07
CA LEU G 219 4.03 33.03 36.32
C LEU G 219 4.58 34.08 35.35
N VAL G 220 3.69 34.82 34.69
CA VAL G 220 4.15 35.81 33.72
C VAL G 220 4.64 37.07 34.42
N ARG G 221 3.97 37.48 35.50
CA ARG G 221 4.41 38.67 36.23
C ARG G 221 5.77 38.45 36.86
N ARG G 222 5.98 37.29 37.47
CA ARG G 222 7.28 36.89 38.03
C ARG G 222 7.89 35.88 37.07
N ASP G 223 8.69 36.37 36.13
CA ASP G 223 9.20 35.58 35.01
C ASP G 223 10.23 34.55 35.48
N PRO G 224 9.90 33.27 35.41
CA PRO G 224 10.88 32.23 35.74
C PRO G 224 11.62 31.73 34.51
N VAL G 225 12.69 30.97 34.76
CA VAL G 225 13.46 30.38 33.68
C VAL G 225 12.69 29.23 33.05
N SER G 226 11.80 28.59 33.81
CA SER G 226 11.11 27.40 33.33
C SER G 226 10.21 27.70 32.13
N CYS G 227 9.48 28.82 32.18
CA CYS G 227 8.55 29.12 31.11
C CYS G 227 9.29 29.46 29.82
N LYS G 228 10.42 30.16 29.93
CA LYS G 228 11.20 30.47 28.74
C LYS G 228 11.79 29.21 28.11
N ILE G 229 12.17 28.24 28.93
CA ILE G 229 12.64 26.96 28.40
C ILE G 229 11.49 26.21 27.76
N LEU G 230 10.29 26.27 28.35
CA LEU G 230 9.13 25.63 27.76
C LEU G 230 8.76 26.28 26.44
N HIS G 231 8.91 27.61 26.34
CA HIS G 231 8.66 28.28 25.08
C HIS G 231 9.68 27.87 24.01
N PHE G 232 10.91 27.57 24.45
CA PHE G 232 11.91 27.07 23.51
C PHE G 232 11.54 25.69 22.99
N PHE G 233 11.01 24.82 23.85
CA PHE G 233 10.56 23.51 23.39
C PHE G 233 9.28 23.61 22.58
N HIS G 234 8.39 24.54 22.96
CA HIS G 234 7.15 24.73 22.21
C HIS G 234 7.44 25.24 20.80
N GLN G 235 8.37 26.20 20.67
CA GLN G 235 8.72 26.72 19.36
C GLN G 235 9.56 25.74 18.55
N TYR G 236 10.22 24.78 19.20
CA TYR G 236 10.99 23.78 18.48
C TYR G 236 10.10 22.67 17.93
N MET G 237 9.21 22.14 18.77
CA MET G 237 8.31 21.08 18.32
C MET G 237 7.32 21.61 17.28
N MET G 238 6.86 22.85 17.45
CA MET G 238 5.98 23.44 16.45
C MET G 238 6.70 23.59 15.12
N ALA G 239 7.96 24.03 15.15
CA ALA G 239 8.75 24.08 13.92
C ALA G 239 9.07 22.68 13.41
N CYS G 240 9.25 21.72 14.31
CA CYS G 240 9.48 20.34 13.88
C CYS G 240 8.21 19.72 13.30
N ASN G 241 7.04 20.12 13.80
CA ASN G 241 5.80 19.61 13.25
C ASN G 241 5.52 20.20 11.86
N TYR G 242 5.78 21.49 11.70
CA TYR G 242 5.59 22.13 10.40
C TYR G 242 6.68 21.76 9.41
N PHE G 243 7.76 21.13 9.84
CA PHE G 243 8.82 20.69 8.95
C PHE G 243 8.66 19.25 8.49
N TRP G 244 8.01 18.41 9.28
CA TRP G 244 7.71 17.05 8.84
C TRP G 244 6.58 16.99 7.83
N MET G 245 5.79 18.05 7.71
CA MET G 245 4.84 18.15 6.61
C MET G 245 5.53 18.37 5.28
N LEU G 246 6.78 18.86 5.30
CA LEU G 246 7.55 19.00 4.08
C LEU G 246 8.27 17.70 3.72
N CYS G 247 8.81 17.01 4.73
CA CYS G 247 9.43 15.71 4.47
C CYS G 247 8.43 14.71 3.91
N GLU G 248 7.20 14.72 4.44
CA GLU G 248 6.14 13.88 3.88
C GLU G 248 5.68 14.36 2.51
N GLY G 249 6.00 15.60 2.14
CA GLY G 249 5.67 16.12 0.84
C GLY G 249 6.75 15.86 -0.18
N ILE G 250 8.01 15.97 0.24
CA ILE G 250 9.13 15.66 -0.63
C ILE G 250 9.11 14.19 -1.04
N TYR G 251 8.91 13.30 -0.07
CA TYR G 251 8.85 11.87 -0.36
C TYR G 251 7.70 11.55 -1.31
N LEU G 252 6.56 12.21 -1.12
CA LEU G 252 5.43 12.00 -2.03
C LEU G 252 5.76 12.51 -3.43
N HIS G 253 6.48 13.63 -3.52
CA HIS G 253 6.89 14.15 -4.82
C HIS G 253 7.99 13.29 -5.44
N THR G 254 8.86 12.73 -4.60
CA THR G 254 9.96 11.88 -5.07
C THR G 254 9.52 10.44 -5.29
N LEU G 255 8.25 10.12 -5.08
CA LEU G 255 7.74 8.77 -5.29
C LEU G 255 6.78 8.68 -6.46
N ILE G 256 6.14 9.78 -6.85
CA ILE G 256 5.13 9.76 -7.89
C ILE G 256 5.60 10.59 -9.08
N VAL G 257 5.93 11.86 -8.85
CA VAL G 257 6.26 12.76 -9.95
C VAL G 257 7.65 12.45 -10.49
N VAL G 258 8.66 12.47 -9.63
CA VAL G 258 10.06 12.36 -10.06
C VAL G 258 10.70 11.18 -9.33
N ALA G 259 11.54 10.46 -10.07
CA ALA G 259 12.31 9.33 -9.55
C ALA G 259 11.38 8.24 -8.99
N VAL G 260 10.55 7.68 -9.87
CA VAL G 260 9.62 6.64 -9.45
C VAL G 260 10.33 5.29 -9.35
N PHE G 261 11.36 5.06 -10.17
CA PHE G 261 12.05 3.78 -10.19
C PHE G 261 13.10 3.67 -9.09
N THR G 262 13.87 4.73 -8.87
CA THR G 262 14.86 4.75 -7.81
C THR G 262 14.14 4.90 -6.48
N GLU G 263 13.97 3.79 -5.77
CA GLU G 263 13.25 3.75 -4.51
C GLU G 263 14.20 3.38 -3.37
N LYS G 264 13.63 3.26 -2.17
CA LYS G 264 14.37 2.86 -0.97
C LYS G 264 15.54 3.79 -0.69
N GLN G 265 15.26 5.10 -0.77
CA GLN G 265 16.29 6.10 -0.47
C GLN G 265 16.59 6.12 1.03
N ARG G 266 17.85 6.41 1.35
CA ARG G 266 18.27 6.43 2.75
C ARG G 266 17.54 7.51 3.53
N LEU G 267 17.07 7.15 4.72
CA LEU G 267 16.36 8.06 5.60
C LEU G 267 17.28 8.89 6.48
N ARG G 268 18.57 8.99 6.12
CA ARG G 268 19.49 9.81 6.89
C ARG G 268 19.15 11.28 6.83
N TRP G 269 18.61 11.76 5.71
CA TRP G 269 18.27 13.17 5.56
C TRP G 269 16.86 13.49 6.02
N TYR G 270 15.92 12.54 5.86
CA TYR G 270 14.57 12.77 6.34
C TYR G 270 14.53 12.84 7.86
N TYR G 271 15.32 12.01 8.54
CA TYR G 271 15.40 12.07 9.99
C TYR G 271 16.15 13.31 10.48
N LEU G 272 16.92 13.96 9.60
CA LEU G 272 17.67 15.15 9.97
C LEU G 272 16.91 16.43 9.65
N LEU G 273 16.24 16.49 8.50
CA LEU G 273 15.46 17.67 8.15
C LEU G 273 14.25 17.84 9.06
N GLY G 274 13.70 16.73 9.56
CA GLY G 274 12.52 16.78 10.40
C GLY G 274 12.82 17.07 11.86
N TRP G 275 13.75 16.32 12.44
CA TRP G 275 14.05 16.42 13.87
C TRP G 275 15.29 17.24 14.18
N GLY G 276 16.25 17.30 13.27
CA GLY G 276 17.51 17.96 13.55
C GLY G 276 17.64 19.35 12.95
N PHE G 277 16.95 19.60 11.85
CA PHE G 277 17.02 20.89 11.18
C PHE G 277 16.33 22.00 11.97
N PRO G 278 15.14 21.78 12.56
CA PRO G 278 14.52 22.84 13.36
C PRO G 278 15.36 23.32 14.55
N LEU G 279 16.43 22.62 14.89
CA LEU G 279 17.29 23.08 15.98
C LEU G 279 18.08 24.33 15.59
N VAL G 280 18.25 24.59 14.30
CA VAL G 280 19.02 25.75 13.85
C VAL G 280 18.21 27.04 13.99
N PRO G 281 16.97 27.14 13.48
CA PRO G 281 16.24 28.40 13.63
C PRO G 281 15.76 28.65 15.05
N THR G 282 15.51 27.60 15.83
CA THR G 282 15.02 27.78 17.19
C THR G 282 16.13 28.25 18.13
N THR G 283 17.33 27.70 17.98
CA THR G 283 18.45 28.11 18.84
C THR G 283 18.92 29.51 18.49
N ILE G 284 18.92 29.87 17.22
CA ILE G 284 19.31 31.22 16.82
C ILE G 284 18.31 32.24 17.35
N HIS G 285 17.01 31.91 17.27
CA HIS G 285 15.99 32.81 17.81
C HIS G 285 16.08 32.89 19.33
N ALA G 286 16.47 31.80 19.99
CA ALA G 286 16.51 31.78 21.45
C ALA G 286 17.62 32.67 22.00
N ILE G 287 18.80 32.63 21.39
CA ILE G 287 19.91 33.45 21.88
C ILE G 287 19.66 34.93 21.59
N THR G 288 19.03 35.22 20.45
CA THR G 288 18.71 36.62 20.12
C THR G 288 17.59 37.15 21.01
N ARG G 289 16.63 36.29 21.35
CA ARG G 289 15.51 36.73 22.19
C ARG G 289 15.99 37.11 23.58
N ALA G 290 17.04 36.45 24.08
CA ALA G 290 17.52 36.69 25.44
C ALA G 290 18.40 37.92 25.55
N VAL G 291 18.90 38.46 24.44
CA VAL G 291 19.81 39.59 24.48
C VAL G 291 19.15 40.87 23.96
N TYR G 292 18.25 40.75 22.98
CA TYR G 292 17.65 41.91 22.34
C TYR G 292 16.26 42.25 22.89
N PHE G 293 15.31 41.31 22.79
CA PHE G 293 13.93 41.53 23.21
C PHE G 293 13.51 40.38 24.13
N ASN G 294 13.78 40.55 25.42
CA ASN G 294 13.44 39.54 26.42
C ASN G 294 12.10 39.90 27.04
N ASP G 295 11.03 39.33 26.51
CA ASP G 295 9.69 39.59 27.02
C ASP G 295 9.40 38.69 28.22
N ASN G 296 8.23 38.89 28.81
CA ASN G 296 7.80 38.09 29.96
C ASN G 296 7.37 36.71 29.46
N CYS G 297 8.22 35.71 29.68
CA CYS G 297 8.04 34.31 29.28
C CYS G 297 8.01 34.14 27.77
N TRP G 298 8.38 35.16 26.99
CA TRP G 298 8.46 35.15 25.53
C TRP G 298 7.11 34.93 24.87
N LEU G 299 5.99 35.04 25.60
CA LEU G 299 4.67 34.84 25.00
C LEU G 299 4.35 35.96 24.02
N SER G 300 4.89 37.15 24.26
CA SER G 300 4.65 38.27 23.35
C SER G 300 5.18 37.97 21.96
N VAL G 301 4.41 38.35 20.95
CA VAL G 301 4.74 38.08 19.55
C VAL G 301 5.02 39.36 18.78
N GLU G 302 5.10 40.49 19.46
CA GLU G 302 5.33 41.79 18.82
C GLU G 302 6.83 42.03 18.62
N THR G 303 7.46 41.13 17.88
CA THR G 303 8.88 41.23 17.59
C THR G 303 9.16 40.58 16.24
N HIS G 304 10.17 41.10 15.55
CA HIS G 304 10.59 40.54 14.26
C HIS G 304 11.52 39.35 14.40
N LEU G 305 11.97 39.04 15.62
CA LEU G 305 12.80 37.87 15.84
C LEU G 305 12.02 36.57 15.66
N LEU G 306 10.68 36.62 15.76
CA LEU G 306 9.88 35.42 15.56
C LEU G 306 9.92 34.96 14.12
N TYR G 307 10.23 35.86 13.18
CA TYR G 307 10.34 35.49 11.77
C TYR G 307 11.49 34.52 11.53
N ILE G 308 12.43 34.41 12.46
CA ILE G 308 13.51 33.42 12.32
C ILE G 308 12.93 32.02 12.38
N ILE G 309 11.80 31.86 13.07
CA ILE G 309 11.13 30.52 13.16
C ILE G 309 9.99 30.45 12.13
N HIS G 310 9.16 31.49 12.03
CA HIS G 310 7.97 31.46 11.14
C HIS G 310 8.34 31.84 9.71
N GLY G 311 9.63 32.06 9.44
CA GLY G 311 10.08 32.32 8.06
C GLY G 311 10.44 31.02 7.37
N PRO G 312 11.44 30.21 7.82
CA PRO G 312 11.68 28.89 7.20
C PRO G 312 10.45 28.01 7.17
N VAL G 313 9.55 28.16 8.14
CA VAL G 313 8.31 27.38 8.14
C VAL G 313 7.41 27.83 7.00
N MET G 314 7.21 29.14 6.87
CA MET G 314 6.41 29.68 5.77
C MET G 314 7.09 29.49 4.42
N ALA G 315 8.39 29.21 4.39
CA ALA G 315 9.09 28.87 3.16
C ALA G 315 9.00 27.39 2.83
N ALA G 316 8.58 26.57 3.78
CA ALA G 316 8.41 25.13 3.55
C ALA G 316 6.97 24.78 3.18
N LEU G 317 6.00 25.50 3.75
CA LEU G 317 4.60 25.25 3.43
C LEU G 317 4.27 25.65 2.00
N VAL G 318 4.93 26.67 1.47
CA VAL G 318 4.73 27.04 0.08
C VAL G 318 5.29 25.97 -0.85
N VAL G 319 6.38 25.32 -0.44
CA VAL G 319 6.92 24.22 -1.23
C VAL G 319 5.94 23.04 -1.24
N ASN G 320 5.31 22.76 -0.10
CA ASN G 320 4.28 21.73 -0.06
C ASN G 320 3.10 22.11 -0.95
N PHE G 321 2.73 23.39 -0.96
CA PHE G 321 1.69 23.85 -1.88
C PHE G 321 2.13 23.68 -3.32
N PHE G 322 3.41 23.93 -3.60
CA PHE G 322 3.95 23.66 -4.93
C PHE G 322 4.13 22.19 -5.19
N PHE G 323 4.21 21.38 -4.12
CA PHE G 323 4.24 19.92 -4.25
C PHE G 323 2.84 19.32 -4.28
N LEU G 324 1.81 20.14 -4.08
CA LEU G 324 0.43 19.69 -4.20
C LEU G 324 -0.17 19.96 -5.58
N LEU G 325 0.21 21.07 -6.21
CA LEU G 325 -0.19 21.34 -7.59
C LEU G 325 0.54 20.45 -8.59
N ASN G 326 1.52 19.68 -8.15
CA ASN G 326 2.23 18.73 -9.00
C ASN G 326 1.71 17.30 -8.85
N ILE G 327 1.14 16.96 -7.71
CA ILE G 327 0.55 15.64 -7.53
C ILE G 327 -0.80 15.57 -8.23
N VAL G 328 -1.61 16.61 -8.11
CA VAL G 328 -2.91 16.65 -8.78
C VAL G 328 -2.72 16.78 -10.28
N ARG G 329 -1.68 17.47 -10.72
CA ARG G 329 -1.39 17.59 -12.14
C ARG G 329 -1.13 16.23 -12.77
N VAL G 330 -0.56 15.30 -12.00
CA VAL G 330 -0.32 13.94 -12.48
C VAL G 330 -1.57 13.07 -12.30
N LEU G 331 -2.28 13.24 -11.19
CA LEU G 331 -3.46 12.42 -10.94
C LEU G 331 -4.56 12.72 -11.95
N VAL G 332 -4.68 13.98 -12.39
CA VAL G 332 -5.65 14.29 -13.44
C VAL G 332 -5.16 13.77 -14.78
N THR G 333 -3.84 13.80 -15.00
CA THR G 333 -3.29 13.25 -16.24
C THR G 333 -3.44 11.74 -16.30
N LYS G 334 -3.34 11.07 -15.16
CA LYS G 334 -3.50 9.61 -15.11
C LYS G 334 -4.96 9.19 -15.20
N MET G 335 -5.90 10.12 -15.25
CA MET G 335 -7.30 9.81 -15.48
C MET G 335 -7.80 10.24 -16.84
N ARG G 336 -7.07 11.10 -17.55
CA ARG G 336 -7.45 11.47 -18.90
C ARG G 336 -7.00 10.43 -19.91
N GLU G 337 -5.87 9.77 -19.65
CA GLU G 337 -5.41 8.70 -20.53
C GLU G 337 -6.36 7.50 -20.49
N THR G 338 -7.01 7.27 -19.35
CA THR G 338 -8.04 6.24 -19.26
C THR G 338 -9.30 6.64 -20.03
N HIS G 339 -9.45 7.92 -20.34
CA HIS G 339 -10.58 8.45 -21.10
C HIS G 339 -11.91 8.19 -20.38
N GLU G 340 -11.99 8.73 -19.17
CA GLU G 340 -13.21 8.67 -18.38
C GLU G 340 -14.09 9.88 -18.73
N ALA G 341 -15.14 10.10 -17.95
CA ALA G 341 -16.02 11.24 -18.14
C ALA G 341 -15.53 12.44 -17.36
N GLU G 342 -15.80 13.63 -17.90
CA GLU G 342 -15.37 14.86 -17.22
C GLU G 342 -16.10 15.06 -15.90
N SER G 343 -17.29 14.50 -15.75
CA SER G 343 -18.03 14.58 -14.50
C SER G 343 -17.50 13.63 -13.43
N HIS G 344 -16.52 12.80 -13.76
CA HIS G 344 -15.92 11.89 -12.81
C HIS G 344 -14.45 12.17 -12.51
N MET G 345 -13.73 12.81 -13.44
CA MET G 345 -12.35 13.18 -13.18
C MET G 345 -12.23 14.26 -12.11
N TYR G 346 -13.30 15.01 -11.86
CA TYR G 346 -13.30 16.05 -10.84
C TYR G 346 -13.84 15.59 -9.50
N LEU G 347 -14.73 14.59 -9.49
CA LEU G 347 -15.22 14.04 -8.23
C LEU G 347 -14.13 13.36 -7.44
N LYS G 348 -13.10 12.83 -8.11
CA LYS G 348 -11.96 12.23 -7.44
C LYS G 348 -10.81 13.20 -7.24
N ALA G 349 -10.75 14.29 -8.01
CA ALA G 349 -9.71 15.30 -7.84
C ALA G 349 -9.97 16.21 -6.65
N VAL G 350 -11.18 16.22 -6.10
CA VAL G 350 -11.48 17.00 -4.91
C VAL G 350 -11.36 16.10 -3.69
N LYS G 351 -11.63 14.81 -3.87
CA LYS G 351 -11.44 13.86 -2.78
C LYS G 351 -9.97 13.64 -2.45
N ALA G 352 -9.08 13.77 -3.44
CA ALA G 352 -7.65 13.65 -3.20
C ALA G 352 -7.03 14.95 -2.70
N THR G 353 -7.63 16.09 -3.01
CA THR G 353 -7.11 17.36 -2.52
C THR G 353 -7.45 17.56 -1.05
N MET G 354 -8.66 17.18 -0.64
CA MET G 354 -9.11 17.36 0.74
C MET G 354 -8.54 16.30 1.69
N ILE G 355 -7.71 15.38 1.20
CA ILE G 355 -7.02 14.44 2.07
C ILE G 355 -5.52 14.69 2.12
N LEU G 356 -4.93 15.33 1.11
CA LEU G 356 -3.53 15.73 1.17
C LEU G 356 -3.33 17.07 1.87
N VAL G 357 -4.41 17.81 2.12
CA VAL G 357 -4.34 19.08 2.84
C VAL G 357 -3.98 18.84 4.30
N PRO G 358 -4.60 17.88 5.01
CA PRO G 358 -4.14 17.61 6.38
C PRO G 358 -2.71 17.07 6.45
N LEU G 359 -2.32 16.21 5.51
CA LEU G 359 -0.99 15.64 5.53
C LEU G 359 0.07 16.68 5.22
N LEU G 360 -0.02 17.30 4.03
CA LEU G 360 0.94 18.33 3.64
C LEU G 360 0.73 19.64 4.40
N GLY G 361 -0.30 19.74 5.24
CA GLY G 361 -0.53 20.96 5.98
C GLY G 361 -0.84 22.16 5.12
N ILE G 362 -1.67 21.98 4.09
CA ILE G 362 -2.00 23.08 3.17
C ILE G 362 -3.22 23.78 3.77
N GLN G 363 -2.95 24.64 4.76
CA GLN G 363 -3.94 25.57 5.26
C GLN G 363 -3.33 26.92 5.62
N PHE G 364 -2.03 27.10 5.40
CA PHE G 364 -1.35 28.37 5.68
C PHE G 364 -0.91 29.07 4.40
N VAL G 365 -1.09 28.45 3.24
CA VAL G 365 -0.80 29.09 1.98
C VAL G 365 -2.05 29.62 1.30
N VAL G 366 -3.23 29.03 1.56
CA VAL G 366 -4.49 29.58 1.07
C VAL G 366 -5.06 30.62 2.03
N PHE G 367 -4.54 30.70 3.25
CA PHE G 367 -4.91 31.76 4.19
C PHE G 367 -3.63 32.30 4.83
N PRO G 368 -2.76 32.94 4.04
CA PRO G 368 -1.46 33.38 4.56
C PRO G 368 -1.51 34.64 5.41
N TRP G 369 -2.68 35.17 5.70
CA TRP G 369 -2.80 36.40 6.48
C TRP G 369 -4.19 36.46 7.08
N ARG G 370 -4.38 37.40 8.00
CA ARG G 370 -5.66 37.61 8.66
C ARG G 370 -6.24 38.96 8.23
N PRO G 371 -7.51 39.01 7.84
CA PRO G 371 -8.09 40.29 7.41
C PRO G 371 -8.22 41.26 8.57
N SER G 372 -8.17 42.55 8.23
CA SER G 372 -8.26 43.60 9.24
C SER G 372 -9.67 43.85 9.72
N ASN G 373 -10.68 43.46 8.92
CA ASN G 373 -12.06 43.67 9.32
C ASN G 373 -12.45 42.73 10.45
N LYS G 374 -13.62 42.99 11.03
CA LYS G 374 -14.13 42.19 12.13
C LYS G 374 -15.23 41.21 11.71
N MET G 375 -15.89 41.45 10.58
CA MET G 375 -16.92 40.53 10.12
C MET G 375 -16.33 39.25 9.53
N LEU G 376 -15.07 39.28 9.11
CA LEU G 376 -14.40 38.10 8.60
C LEU G 376 -13.54 37.41 9.65
N GLY G 377 -12.87 38.18 10.52
CA GLY G 377 -12.05 37.59 11.57
C GLY G 377 -12.84 36.77 12.56
N LYS G 378 -14.14 37.05 12.71
CA LYS G 378 -14.96 36.23 13.61
C LYS G 378 -15.12 34.82 13.07
N ILE G 379 -15.10 34.65 11.74
CA ILE G 379 -15.23 33.34 11.13
C ILE G 379 -13.83 32.81 10.80
N TYR G 380 -12.92 33.73 10.45
CA TYR G 380 -11.56 33.33 10.12
C TYR G 380 -10.86 32.70 11.32
N ASP G 381 -11.01 33.29 12.51
CA ASP G 381 -10.44 32.70 13.71
C ASP G 381 -11.10 31.38 14.07
N TYR G 382 -12.32 31.15 13.62
CA TYR G 382 -13.00 29.88 13.87
C TYR G 382 -12.72 28.85 12.79
N VAL G 383 -12.45 29.29 11.56
CA VAL G 383 -12.15 28.36 10.47
C VAL G 383 -10.66 28.03 10.39
N MET G 384 -9.80 28.83 11.02
CA MET G 384 -8.38 28.54 11.05
C MET G 384 -7.98 27.71 12.26
N HIS G 385 -8.63 27.93 13.41
CA HIS G 385 -8.37 27.12 14.59
C HIS G 385 -8.95 25.72 14.46
N SER G 386 -9.92 25.52 13.56
CA SER G 386 -10.49 24.19 13.37
C SER G 386 -9.57 23.31 12.53
N LEU G 387 -8.82 23.91 11.59
CA LEU G 387 -7.90 23.14 10.77
C LEU G 387 -6.57 22.89 11.48
N ILE G 388 -6.15 23.82 12.34
CA ILE G 388 -4.86 23.67 13.02
C ILE G 388 -4.98 22.72 14.21
N HIS G 389 -5.93 22.99 15.10
CA HIS G 389 -6.06 22.18 16.30
C HIS G 389 -6.49 20.75 15.99
N PHE G 390 -7.40 20.59 15.03
CA PHE G 390 -7.87 19.27 14.62
C PHE G 390 -7.04 18.67 13.49
N GLN G 391 -5.79 19.11 13.32
CA GLN G 391 -4.95 18.56 12.27
C GLN G 391 -4.42 17.17 12.63
N GLY G 392 -4.06 16.96 13.90
CA GLY G 392 -3.63 15.64 14.31
C GLY G 392 -4.73 14.61 14.27
N PHE G 393 -5.98 15.05 14.41
CA PHE G 393 -7.12 14.13 14.31
C PHE G 393 -7.49 13.85 12.86
N PHE G 394 -7.45 14.87 12.01
CA PHE G 394 -7.81 14.68 10.60
C PHE G 394 -6.78 13.82 9.87
N VAL G 395 -5.51 13.87 10.29
CA VAL G 395 -4.48 13.05 9.68
C VAL G 395 -4.61 11.60 10.14
N ALA G 396 -4.85 11.40 11.43
CA ALA G 396 -4.95 10.05 11.99
C ALA G 396 -6.20 9.31 11.54
N THR G 397 -7.22 10.03 11.06
CA THR G 397 -8.47 9.41 10.66
C THR G 397 -8.58 9.18 9.15
N ILE G 398 -7.64 9.69 8.37
CA ILE G 398 -7.67 9.54 6.91
C ILE G 398 -6.66 8.50 6.44
N TYR G 399 -5.42 8.60 6.90
CA TYR G 399 -4.36 7.71 6.45
C TYR G 399 -4.22 6.46 7.31
N CYS G 400 -4.96 6.34 8.40
CA CYS G 400 -4.92 5.17 9.25
C CYS G 400 -6.26 4.46 9.34
N PHE G 401 -7.35 5.20 9.59
CA PHE G 401 -8.67 4.60 9.70
C PHE G 401 -9.37 4.48 8.34
N CYS G 402 -9.29 5.53 7.52
CA CYS G 402 -9.91 5.52 6.21
C CYS G 402 -9.01 4.86 5.14
N ASN G 403 -7.87 4.31 5.54
CA ASN G 403 -6.98 3.65 4.59
C ASN G 403 -7.46 2.23 4.35
N ASN G 404 -7.63 1.87 3.07
CA ASN G 404 -8.15 0.55 2.74
C ASN G 404 -7.17 -0.55 3.10
N GLU G 405 -5.87 -0.24 3.14
CA GLU G 405 -4.88 -1.25 3.51
C GLU G 405 -4.90 -1.58 5.00
N VAL G 406 -5.54 -0.75 5.81
CA VAL G 406 -5.62 -0.99 7.25
C VAL G 406 -6.99 -1.55 7.59
N GLN G 407 -8.01 -1.16 6.81
CA GLN G 407 -9.36 -1.66 7.05
C GLN G 407 -9.45 -3.16 6.80
N THR G 408 -8.60 -3.70 5.93
CA THR G 408 -8.59 -5.13 5.66
C THR G 408 -7.62 -5.89 6.53
N THR G 409 -6.55 -5.23 7.01
CA THR G 409 -5.57 -5.92 7.83
C THR G 409 -6.10 -6.19 9.23
N VAL G 410 -6.67 -5.17 9.87
CA VAL G 410 -7.16 -5.35 11.24
C VAL G 410 -8.41 -6.22 11.26
N LYS G 411 -9.26 -6.13 10.22
CA LYS G 411 -10.46 -6.95 10.18
C LYS G 411 -10.12 -8.43 10.05
N ARG G 412 -8.95 -8.75 9.51
CA ARG G 412 -8.56 -10.15 9.35
C ARG G 412 -8.00 -10.75 10.64
N GLN G 413 -7.32 -9.94 11.45
CA GLN G 413 -6.65 -10.43 12.65
C GLN G 413 -7.60 -10.29 13.84
#